data_6OZ2
#
_entry.id   6OZ2
#
_cell.length_a   65.436
_cell.length_b   80.815
_cell.length_c   195.214
_cell.angle_alpha   90.00
_cell.angle_beta   90.00
_cell.angle_gamma   90.00
#
_symmetry.space_group_name_H-M   'P 21 21 21'
#
loop_
_entity.id
_entity.type
_entity.pdbx_description
1 polymer 'clade A/E 93TH057 HIV-1 gp120 core'
2 polymer 'N49P6 antibody Fab heavy chain'
3 polymer 'N49P6 antibody Fab light chain'
4 non-polymer 2-acetamido-2-deoxy-beta-D-glucopyranose
5 water water
#
loop_
_entity_poly.entity_id
_entity_poly.type
_entity_poly.pdbx_seq_one_letter_code
_entity_poly.pdbx_strand_id
1 'polypeptide(L)'
;VPVWKDADTTLFCASDAKAHETEVHNVWATHACVPTDPNPQEIHLENVTENFNMWKNNMVEQMQEDVISLWDQSLQPCVK
LTGGSVIKQACPKISFDPIPIHYCTPAGYVILKCNDKNFNGTGPCKNVSSVQCTHGIKPVVSTQLLLNGSLAEEEIIIRS
ENLTNNAKTIIVHLNKSVEINCTRPSNGGSGSGGDIRKAYCEINGTKWNKVLKQVTEKLKEHFNNKTIIFQPPSGGDLEI
TMHSFNCRGEFFYCNTTQLFNNTCIGNETMKGCNGTITLPCKIKQIINMWQGTGQAMYAPPIDGKINCVSNITGILLTRD
GGANNTSNETFRPGGGNIKDNWRSELYKYKVVQIE
;
G
2 'polypeptide(L)'
;AGLMQSGAVMKNSGASVRVSCQADGYDFIDYVIHWFRQRRGEGLEWLGWMNPSGGGTNYPRPFQGKVTMTRDTSTETAYL
DVRGLTYDDTAVYYCVRDRANGSGRRRFESVNWFLDLWGRGTQITVVSASTKGPSVFPLAPSSKSTSGGTAALGCLVKDY
FPEPVTVSWNSGALTSGVHTFPAVLQSSGLYSLSSVVTVPSSSLGTQTYICNVNHKPSNTKVDKRVEPK
;
H
3 'polypeptide(L)'
;QSALTQPRSVSASPGQSVTISCTGTHNYVSWCQQKPGQAPKLLIYDFNKRPSGVSDRFSGSTSGNTASLTISGLQADDEG
HYFCWAFENIGGGTKLTVLGQPKAAPSVTLFPPSSEELQANKATLVCLISDFYPGAVTVAWKADSSPVKAGVETTTPSKQ
SNNKYAASSYLSLTPEQWKSHRSYSCQVTHEGSTVEKTVAPTECS
;
L
#
# COMPACT_ATOMS: atom_id res chain seq x y z
N PRO A 2 0.15 -38.67 -28.81
CA PRO A 2 0.27 -37.29 -28.34
C PRO A 2 0.76 -37.26 -26.89
N VAL A 3 1.89 -36.64 -26.65
CA VAL A 3 2.45 -36.57 -25.30
C VAL A 3 3.13 -35.22 -25.17
N TRP A 4 2.71 -34.38 -24.23
CA TRP A 4 3.25 -33.03 -24.24
C TRP A 4 3.34 -32.48 -22.83
N LYS A 5 4.05 -31.36 -22.71
CA LYS A 5 4.13 -30.65 -21.46
C LYS A 5 4.42 -29.18 -21.75
N ASP A 6 3.87 -28.33 -20.90
CA ASP A 6 4.09 -26.90 -21.03
C ASP A 6 5.58 -26.62 -21.13
N ALA A 7 5.94 -25.75 -22.07
CA ALA A 7 7.32 -25.40 -22.33
C ALA A 7 7.36 -23.97 -22.84
N ASP A 8 8.55 -23.38 -22.78
CA ASP A 8 8.80 -22.03 -23.27
C ASP A 8 9.83 -22.08 -24.38
N THR A 9 9.50 -21.50 -25.52
CA THR A 9 10.34 -21.57 -26.70
C THR A 9 10.28 -20.23 -27.44
N THR A 10 11.31 -19.98 -28.25
CA THR A 10 11.33 -18.80 -29.10
C THR A 10 10.38 -19.01 -30.26
N LEU A 11 9.27 -18.29 -30.28
CA LEU A 11 8.34 -18.33 -31.41
C LEU A 11 8.86 -17.47 -32.55
N PHE A 12 8.23 -17.56 -33.71
CA PHE A 12 8.52 -16.60 -34.78
C PHE A 12 7.21 -15.98 -35.25
N CYS A 13 7.31 -14.75 -35.77
CA CYS A 13 6.09 -14.10 -36.17
C CYS A 13 5.89 -14.30 -37.66
N ALA A 14 4.65 -14.12 -38.09
CA ALA A 14 4.29 -14.22 -39.49
C ALA A 14 3.24 -13.17 -39.77
N SER A 15 3.21 -12.68 -41.00
CA SER A 15 2.27 -11.62 -41.35
C SER A 15 2.08 -11.58 -42.85
N ASP A 16 1.18 -10.71 -43.29
CA ASP A 16 0.99 -10.48 -44.71
C ASP A 16 1.41 -9.06 -45.04
N ALA A 17 2.65 -8.73 -44.70
CA ALA A 17 3.26 -7.46 -45.07
C ALA A 17 3.59 -7.45 -46.56
N LYS A 18 3.37 -6.30 -47.19
CA LYS A 18 3.84 -6.08 -48.54
C LYS A 18 5.31 -5.67 -48.48
N ALA A 19 6.17 -6.37 -49.25
CA ALA A 19 7.60 -6.09 -49.28
C ALA A 19 7.94 -4.73 -49.87
N HIS A 20 6.99 -4.07 -50.53
CA HIS A 20 7.21 -2.81 -51.23
C HIS A 20 6.50 -1.65 -50.56
N GLU A 21 6.43 -1.66 -49.23
CA GLU A 21 5.66 -0.68 -48.47
C GLU A 21 6.54 0.16 -47.57
N THR A 22 6.22 1.46 -47.49
CA THR A 22 6.93 2.35 -46.58
C THR A 22 6.29 2.41 -45.20
N GLU A 23 4.99 2.20 -45.09
CA GLU A 23 4.34 2.01 -43.80
C GLU A 23 5.17 1.09 -42.93
N VAL A 24 5.40 1.49 -41.67
CA VAL A 24 6.54 0.94 -40.92
C VAL A 24 6.29 -0.44 -40.30
N HIS A 25 5.03 -0.82 -40.05
CA HIS A 25 4.73 -2.17 -39.60
C HIS A 25 5.06 -3.18 -40.70
N ASN A 26 4.88 -2.79 -41.97
CA ASN A 26 5.29 -3.65 -43.08
C ASN A 26 6.81 -3.72 -43.21
N VAL A 27 7.48 -2.56 -43.24
CA VAL A 27 8.94 -2.54 -43.29
C VAL A 27 9.51 -3.48 -42.24
N TRP A 28 8.96 -3.45 -41.03
CA TRP A 28 9.49 -4.25 -39.94
C TRP A 28 9.12 -5.72 -40.09
N ALA A 29 7.90 -6.03 -40.52
CA ALA A 29 7.53 -7.43 -40.62
C ALA A 29 8.15 -8.14 -41.83
N THR A 30 8.56 -7.42 -42.89
CA THR A 30 9.17 -8.13 -44.01
C THR A 30 10.50 -8.72 -43.62
N HIS A 31 11.19 -8.08 -42.70
CA HIS A 31 12.47 -8.61 -42.27
C HIS A 31 12.37 -9.41 -40.97
N ALA A 32 11.35 -9.16 -40.13
CA ALA A 32 11.31 -9.78 -38.81
C ALA A 32 10.45 -11.04 -38.77
N CYS A 33 9.60 -11.23 -39.76
CA CYS A 33 8.60 -12.26 -39.78
C CYS A 33 8.67 -13.01 -41.09
N VAL A 34 7.78 -13.99 -41.17
CA VAL A 34 7.68 -14.93 -42.28
C VAL A 34 6.35 -14.70 -42.91
N PRO A 35 6.15 -15.08 -44.18
CA PRO A 35 4.81 -14.98 -44.78
C PRO A 35 3.83 -15.89 -44.07
N THR A 36 2.58 -15.44 -43.95
CA THR A 36 1.60 -16.29 -43.28
C THR A 36 1.22 -17.46 -44.15
N ASP A 37 0.88 -18.54 -43.49
CA ASP A 37 0.67 -19.81 -44.14
C ASP A 37 -0.65 -19.81 -44.90
N PRO A 38 -0.65 -20.25 -46.15
CA PRO A 38 -1.87 -20.28 -46.97
C PRO A 38 -3.05 -20.99 -46.35
N ASN A 39 -3.07 -22.31 -46.52
CA ASN A 39 -4.15 -23.12 -45.98
C ASN A 39 -3.73 -23.68 -44.63
N PRO A 40 -4.17 -23.10 -43.49
CA PRO A 40 -3.70 -23.60 -42.19
C PRO A 40 -4.65 -24.62 -41.56
N GLN A 41 -4.13 -25.50 -40.71
CA GLN A 41 -4.89 -26.60 -40.13
C GLN A 41 -5.07 -26.42 -38.62
N GLU A 42 -6.27 -26.74 -38.14
CA GLU A 42 -6.58 -26.85 -36.73
C GLU A 42 -7.10 -28.26 -36.51
N ILE A 43 -6.76 -28.88 -35.39
CA ILE A 43 -7.34 -30.18 -35.08
C ILE A 43 -7.87 -30.18 -33.65
N HIS A 44 -9.14 -30.55 -33.52
CA HIS A 44 -9.75 -30.60 -32.21
C HIS A 44 -9.30 -31.87 -31.52
N LEU A 45 -8.92 -31.74 -30.26
CA LEU A 45 -8.40 -32.83 -29.45
C LEU A 45 -9.56 -33.36 -28.60
N GLU A 46 -10.24 -34.40 -29.09
CA GLU A 46 -11.52 -34.77 -28.50
C GLU A 46 -11.35 -35.31 -27.07
N ASN A 47 -12.22 -34.86 -26.18
CA ASN A 47 -12.18 -35.26 -24.76
C ASN A 47 -10.79 -35.04 -24.17
N VAL A 48 -10.32 -33.80 -24.30
CA VAL A 48 -9.07 -33.34 -23.70
C VAL A 48 -9.34 -32.05 -22.95
N THR A 49 -8.94 -32.00 -21.70
CA THR A 49 -9.12 -30.81 -20.87
C THR A 49 -7.75 -30.34 -20.37
N GLU A 50 -7.50 -29.05 -20.51
CA GLU A 50 -6.18 -28.48 -20.34
C GLU A 50 -6.29 -27.15 -19.63
N ASN A 51 -5.39 -26.89 -18.70
CA ASN A 51 -5.45 -25.67 -17.91
C ASN A 51 -4.59 -24.62 -18.59
N PHE A 52 -5.22 -23.52 -18.97
CA PHE A 52 -4.50 -22.35 -19.45
C PHE A 52 -4.31 -21.39 -18.29
N ASN A 53 -3.40 -20.46 -18.46
CA ASN A 53 -3.25 -19.39 -17.48
C ASN A 53 -2.70 -18.17 -18.20
N MET A 54 -3.54 -17.15 -18.39
CA MET A 54 -3.13 -16.02 -19.21
C MET A 54 -2.15 -15.12 -18.49
N TRP A 55 -2.17 -15.12 -17.16
CA TRP A 55 -1.31 -14.20 -16.44
C TRP A 55 0.10 -14.73 -16.29
N LYS A 56 0.33 -16.03 -16.53
CA LYS A 56 1.67 -16.60 -16.64
C LYS A 56 1.74 -17.32 -17.99
N ASN A 57 2.29 -16.63 -18.99
CA ASN A 57 2.28 -17.13 -20.35
C ASN A 57 3.37 -16.40 -21.10
N ASN A 58 4.31 -17.14 -21.67
CA ASN A 58 5.54 -16.53 -22.14
C ASN A 58 5.38 -15.86 -23.49
N MET A 59 4.44 -16.33 -24.31
CA MET A 59 4.08 -15.63 -25.53
C MET A 59 3.96 -14.12 -25.28
N VAL A 60 3.23 -13.75 -24.24
CA VAL A 60 3.03 -12.35 -23.92
C VAL A 60 4.36 -11.61 -23.84
N GLU A 61 5.38 -12.23 -23.27
CA GLU A 61 6.64 -11.50 -23.11
C GLU A 61 7.39 -11.38 -24.42
N GLN A 62 7.34 -12.39 -25.27
CA GLN A 62 8.10 -12.28 -26.52
C GLN A 62 7.46 -11.27 -27.43
N MET A 63 6.13 -11.27 -27.44
CA MET A 63 5.41 -10.28 -28.20
C MET A 63 5.70 -8.87 -27.73
N GLN A 64 6.04 -8.69 -26.44
CA GLN A 64 6.37 -7.36 -25.97
C GLN A 64 7.70 -6.96 -26.57
N GLU A 65 8.66 -7.89 -26.55
CA GLU A 65 9.99 -7.56 -27.03
C GLU A 65 9.93 -7.22 -28.50
N ASP A 66 9.09 -7.93 -29.25
CA ASP A 66 8.98 -7.64 -30.67
C ASP A 66 8.40 -6.26 -30.89
N VAL A 67 7.36 -5.90 -30.13
CA VAL A 67 6.72 -4.61 -30.38
C VAL A 67 7.64 -3.48 -29.95
N ILE A 68 8.30 -3.63 -28.82
CA ILE A 68 9.29 -2.67 -28.37
C ILE A 68 10.26 -2.44 -29.52
N SER A 69 10.75 -3.54 -30.11
CA SER A 69 11.79 -3.39 -31.11
C SER A 69 11.24 -2.89 -32.45
N LEU A 70 9.93 -2.98 -32.66
CA LEU A 70 9.32 -2.37 -33.82
C LEU A 70 9.21 -0.85 -33.62
N TRP A 71 8.95 -0.42 -32.40
CA TRP A 71 8.80 1.02 -32.19
C TRP A 71 10.15 1.69 -32.26
N ASP A 72 11.18 1.07 -31.66
CA ASP A 72 12.49 1.66 -31.63
C ASP A 72 13.06 1.81 -33.04
N GLN A 73 12.61 0.96 -33.96
CA GLN A 73 13.09 1.06 -35.34
C GLN A 73 12.29 2.06 -36.16
N SER A 74 11.03 2.32 -35.78
CA SER A 74 10.10 3.06 -36.63
C SER A 74 9.93 4.50 -36.17
N LEU A 75 9.61 4.69 -34.90
CA LEU A 75 9.45 6.04 -34.37
C LEU A 75 10.77 6.78 -34.49
N GLN A 76 10.71 7.98 -35.05
CA GLN A 76 11.91 8.80 -35.27
C GLN A 76 11.75 10.10 -34.50
N PRO A 77 12.09 10.13 -33.21
CA PRO A 77 12.02 11.39 -32.48
C PRO A 77 13.22 12.25 -32.84
N CYS A 78 12.97 13.57 -32.94
CA CYS A 78 14.06 14.49 -33.23
C CYS A 78 15.07 14.53 -32.10
N VAL A 79 14.59 14.53 -30.88
CA VAL A 79 15.46 14.56 -29.72
C VAL A 79 15.13 13.39 -28.84
N LYS A 80 16.16 12.76 -28.31
CA LYS A 80 16.00 11.82 -27.21
C LYS A 80 16.86 12.32 -26.07
N LEU A 81 16.26 12.42 -24.88
CA LEU A 81 16.96 12.81 -23.66
C LEU A 81 16.72 11.74 -22.61
N THR A 82 17.81 11.14 -22.11
CA THR A 82 17.83 10.10 -21.07
C THR A 82 18.79 10.50 -19.95
N GLY A 83 19.23 9.52 -19.15
CA GLY A 83 20.01 9.78 -17.94
C GLY A 83 21.30 10.54 -18.13
N GLY A 84 21.19 11.82 -18.51
CA GLY A 84 22.33 12.68 -18.80
C GLY A 84 22.57 12.92 -20.28
N SER A 85 22.23 11.96 -21.13
CA SER A 85 22.48 12.00 -22.56
C SER A 85 21.53 12.99 -23.27
N VAL A 86 21.71 13.13 -24.59
CA VAL A 86 20.81 13.86 -25.50
C VAL A 86 21.26 13.71 -26.94
N ILE A 87 20.47 13.04 -27.77
CA ILE A 87 20.82 12.82 -29.17
C ILE A 87 19.77 13.46 -30.08
N LYS A 88 20.21 14.43 -30.88
CA LYS A 88 19.37 15.05 -31.91
C LYS A 88 19.58 14.32 -33.23
N GLN A 89 18.49 14.10 -33.97
CA GLN A 89 18.58 13.37 -35.22
C GLN A 89 17.57 13.94 -36.21
N ALA A 90 17.48 13.31 -37.38
CA ALA A 90 16.54 13.69 -38.42
C ALA A 90 15.25 12.91 -38.21
N CYS A 91 14.12 13.60 -38.35
CA CYS A 91 12.83 13.06 -37.93
C CYS A 91 11.75 13.34 -38.98
N PRO A 92 11.85 12.71 -40.15
CA PRO A 92 10.75 12.80 -41.12
C PRO A 92 9.51 12.11 -40.60
N LYS A 93 8.36 12.46 -41.19
CA LYS A 93 7.14 11.81 -40.74
C LYS A 93 7.00 10.45 -41.45
N ILE A 94 6.27 9.55 -40.82
CA ILE A 94 6.20 8.17 -41.26
C ILE A 94 4.75 7.79 -41.51
N SER A 95 4.57 6.69 -42.22
CA SER A 95 3.26 6.14 -42.50
C SER A 95 2.98 5.09 -41.44
N PHE A 96 2.01 5.36 -40.57
CA PHE A 96 1.77 4.53 -39.40
C PHE A 96 0.37 3.94 -39.48
N ASP A 97 0.27 2.60 -39.43
CA ASP A 97 -0.98 1.84 -39.32
C ASP A 97 -0.68 0.36 -39.09
N PRO A 98 -1.04 -0.20 -37.93
CA PRO A 98 -0.58 -1.54 -37.59
C PRO A 98 -1.32 -2.61 -38.37
N ILE A 99 -0.62 -3.74 -38.54
CA ILE A 99 -1.10 -4.85 -39.35
C ILE A 99 -1.13 -6.11 -38.47
N PRO A 100 -1.91 -7.10 -38.87
CA PRO A 100 -2.02 -8.36 -38.08
C PRO A 100 -0.74 -9.18 -38.10
N ILE A 101 -0.33 -9.61 -36.90
CA ILE A 101 0.80 -10.51 -36.70
C ILE A 101 0.28 -11.83 -36.14
N HIS A 102 0.89 -12.91 -36.59
CA HIS A 102 0.63 -14.26 -36.12
C HIS A 102 1.85 -14.76 -35.40
N TYR A 103 1.65 -15.56 -34.35
CA TYR A 103 2.76 -16.13 -33.60
C TYR A 103 2.77 -17.64 -33.76
N CYS A 104 3.96 -18.18 -34.01
CA CYS A 104 4.05 -19.52 -34.52
C CYS A 104 5.18 -20.26 -33.85
N THR A 105 4.91 -21.52 -33.51
CA THR A 105 5.87 -22.43 -32.92
C THR A 105 6.82 -22.99 -33.97
N PRO A 106 8.06 -23.25 -33.59
CA PRO A 106 8.96 -23.98 -34.49
C PRO A 106 8.64 -25.47 -34.52
N ALA A 107 9.61 -26.28 -34.89
CA ALA A 107 9.44 -27.72 -34.89
C ALA A 107 9.58 -28.28 -33.48
N GLY A 108 8.80 -29.33 -33.19
CA GLY A 108 8.79 -29.93 -31.87
C GLY A 108 7.84 -29.29 -30.88
N TYR A 109 7.29 -28.13 -31.20
CA TYR A 109 6.32 -27.48 -30.33
C TYR A 109 5.04 -27.21 -31.09
N VAL A 110 3.99 -26.93 -30.32
CA VAL A 110 2.68 -26.66 -30.88
C VAL A 110 1.99 -25.65 -29.97
N ILE A 111 0.99 -24.95 -30.52
CA ILE A 111 0.27 -23.94 -29.77
C ILE A 111 -1.13 -24.48 -29.52
N LEU A 112 -1.48 -24.64 -28.25
CA LEU A 112 -2.80 -25.07 -27.83
C LEU A 112 -3.69 -23.84 -27.74
N LYS A 113 -4.89 -23.95 -28.25
CA LYS A 113 -5.81 -22.82 -28.23
C LYS A 113 -7.15 -23.25 -27.64
N CYS A 114 -7.57 -22.53 -26.62
CA CYS A 114 -8.80 -22.82 -25.89
C CYS A 114 -10.00 -22.24 -26.64
N ASN A 115 -10.96 -23.10 -26.98
CA ASN A 115 -12.16 -22.68 -27.70
C ASN A 115 -13.37 -22.59 -26.81
N ASP A 116 -13.21 -22.65 -25.51
CA ASP A 116 -14.36 -22.51 -24.65
C ASP A 116 -14.63 -21.02 -24.51
N LYS A 117 -15.86 -20.61 -24.86
CA LYS A 117 -16.13 -19.22 -25.18
C LYS A 117 -16.55 -18.36 -24.00
N ASN A 118 -16.78 -18.94 -22.85
CA ASN A 118 -16.86 -18.15 -21.63
C ASN A 118 -15.52 -18.11 -20.88
N PHE A 119 -14.50 -18.78 -21.39
CA PHE A 119 -13.19 -18.88 -20.76
C PHE A 119 -12.66 -17.54 -20.23
N ASN A 120 -12.57 -17.41 -18.91
CA ASN A 120 -12.07 -16.17 -18.37
C ASN A 120 -10.56 -15.98 -18.52
N GLY A 121 -9.79 -17.04 -18.85
CA GLY A 121 -8.35 -16.93 -19.05
C GLY A 121 -7.47 -17.76 -18.12
N THR A 122 -7.99 -18.37 -17.04
CA THR A 122 -7.13 -19.11 -16.09
C THR A 122 -7.63 -20.52 -15.74
N GLY A 123 -8.88 -20.86 -15.98
CA GLY A 123 -9.38 -22.15 -15.57
C GLY A 123 -8.86 -23.33 -16.34
N PRO A 124 -9.49 -24.48 -16.15
CA PRO A 124 -9.35 -25.59 -17.09
C PRO A 124 -10.35 -25.44 -18.23
N CYS A 125 -9.93 -25.91 -19.40
CA CYS A 125 -10.63 -25.69 -20.66
C CYS A 125 -11.01 -27.02 -21.26
N LYS A 126 -12.26 -27.11 -21.71
CA LYS A 126 -12.85 -28.36 -22.21
C LYS A 126 -12.64 -28.61 -23.69
N ASN A 127 -12.55 -27.55 -24.50
CA ASN A 127 -12.59 -27.72 -25.94
C ASN A 127 -11.28 -27.15 -26.49
N VAL A 128 -10.25 -27.98 -26.47
CA VAL A 128 -8.91 -27.56 -26.82
C VAL A 128 -8.64 -27.88 -28.29
N SER A 129 -7.85 -27.03 -28.92
CA SER A 129 -7.42 -27.21 -30.31
C SER A 129 -5.90 -27.13 -30.39
N SER A 130 -5.38 -27.73 -31.44
CA SER A 130 -3.97 -27.63 -31.76
C SER A 130 -3.82 -26.79 -33.03
N VAL A 131 -2.95 -25.75 -32.97
CA VAL A 131 -2.64 -24.91 -34.13
C VAL A 131 -1.12 -24.67 -34.22
N GLN A 132 -0.70 -24.23 -35.42
CA GLN A 132 0.67 -23.78 -35.64
C GLN A 132 0.82 -22.28 -35.39
N CYS A 133 -0.20 -21.46 -35.63
CA CYS A 133 -0.06 -20.04 -35.39
C CYS A 133 -1.30 -19.51 -34.68
N THR A 134 -1.11 -18.47 -33.89
CA THR A 134 -2.23 -17.72 -33.39
C THR A 134 -2.91 -16.98 -34.54
N HIS A 135 -4.07 -16.42 -34.25
CA HIS A 135 -4.68 -15.55 -35.23
C HIS A 135 -3.93 -14.22 -35.28
N GLY A 136 -4.46 -13.29 -36.06
CA GLY A 136 -3.78 -12.06 -36.36
C GLY A 136 -3.98 -10.98 -35.32
N ILE A 137 -2.94 -10.72 -34.56
CA ILE A 137 -3.02 -9.75 -33.47
C ILE A 137 -2.37 -8.46 -33.92
N LYS A 138 -3.11 -7.36 -33.80
CA LYS A 138 -2.60 -6.04 -34.12
C LYS A 138 -1.81 -5.47 -32.94
N PRO A 139 -0.58 -5.14 -33.12
CA PRO A 139 0.22 -4.59 -32.03
C PRO A 139 -0.08 -3.12 -31.74
N VAL A 140 -1.31 -2.83 -31.34
CA VAL A 140 -1.66 -1.45 -31.06
C VAL A 140 -1.42 -1.15 -29.60
N VAL A 141 -0.72 -0.06 -29.31
CA VAL A 141 -0.47 0.34 -27.92
C VAL A 141 -1.42 1.46 -27.59
N SER A 142 -2.02 1.35 -26.41
CA SER A 142 -3.02 2.29 -25.97
C SER A 142 -3.21 2.06 -24.50
N THR A 143 -3.57 3.11 -23.77
CA THR A 143 -3.83 2.99 -22.35
C THR A 143 -5.32 3.22 -22.12
N GLN A 144 -5.81 2.77 -20.97
CA GLN A 144 -7.22 2.88 -20.61
C GLN A 144 -8.13 2.02 -21.49
N LEU A 145 -8.24 2.34 -22.78
CA LEU A 145 -9.09 1.58 -23.68
C LEU A 145 -8.26 0.67 -24.59
N LEU A 146 -8.82 -0.51 -24.87
CA LEU A 146 -8.24 -1.43 -25.83
C LEU A 146 -8.96 -1.30 -27.17
N LEU A 147 -8.16 -1.14 -28.24
CA LEU A 147 -8.62 -0.73 -29.55
C LEU A 147 -8.27 -1.77 -30.59
N ASN A 148 -9.22 -1.99 -31.51
CA ASN A 148 -8.97 -2.83 -32.67
C ASN A 148 -8.56 -4.25 -32.24
N GLY A 149 -9.19 -4.75 -31.19
CA GLY A 149 -8.95 -6.10 -30.73
C GLY A 149 -10.10 -7.03 -31.10
N SER A 150 -9.93 -8.28 -30.71
CA SER A 150 -11.00 -9.27 -30.84
C SER A 150 -12.08 -9.02 -29.78
N LEU A 151 -13.31 -9.46 -30.10
CA LEU A 151 -14.47 -9.32 -29.22
C LEU A 151 -14.65 -10.57 -28.34
N ALA A 152 -15.36 -10.38 -27.23
CA ALA A 152 -15.86 -11.52 -26.48
C ALA A 152 -16.93 -12.23 -27.30
N GLU A 153 -16.91 -13.57 -27.23
CA GLU A 153 -17.75 -14.40 -28.08
C GLU A 153 -19.22 -14.36 -27.65
N GLU A 154 -19.48 -14.46 -26.33
CA GLU A 154 -20.85 -14.58 -25.83
C GLU A 154 -21.24 -13.47 -24.85
N GLU A 155 -21.01 -13.71 -23.56
CA GLU A 155 -21.22 -12.71 -22.51
C GLU A 155 -19.90 -11.96 -22.30
N ILE A 156 -19.99 -10.65 -22.06
CA ILE A 156 -18.88 -9.82 -21.59
C ILE A 156 -18.05 -10.59 -20.58
N ILE A 157 -16.72 -10.52 -20.65
CA ILE A 157 -15.89 -11.28 -19.72
C ILE A 157 -14.99 -10.33 -18.92
N ILE A 158 -14.81 -10.67 -17.64
CA ILE A 158 -13.95 -9.95 -16.69
C ILE A 158 -12.75 -10.83 -16.41
N ARG A 159 -11.55 -10.36 -16.70
CA ARG A 159 -10.34 -11.11 -16.41
C ARG A 159 -9.53 -10.41 -15.32
N SER A 160 -8.86 -11.20 -14.50
CA SER A 160 -7.88 -10.72 -13.53
C SER A 160 -7.25 -11.93 -12.88
N GLU A 161 -5.96 -11.82 -12.56
CA GLU A 161 -5.23 -12.79 -11.76
C GLU A 161 -5.90 -13.04 -10.42
N ASN A 162 -6.58 -12.04 -9.85
CA ASN A 162 -7.43 -12.19 -8.67
C ASN A 162 -8.13 -10.87 -8.45
N LEU A 163 -9.46 -10.89 -8.46
CA LEU A 163 -10.20 -9.68 -8.14
C LEU A 163 -10.03 -9.20 -6.69
N THR A 164 -9.89 -10.11 -5.71
CA THR A 164 -9.78 -9.67 -4.31
C THR A 164 -8.45 -8.96 -4.02
N ASN A 165 -7.43 -9.18 -4.84
CA ASN A 165 -6.16 -8.47 -4.74
C ASN A 165 -6.25 -7.19 -5.57
N ASN A 166 -6.33 -6.04 -4.91
CA ASN A 166 -6.54 -4.78 -5.61
C ASN A 166 -5.30 -4.29 -6.37
N ALA A 167 -4.15 -4.96 -6.21
CA ALA A 167 -2.93 -4.60 -6.91
C ALA A 167 -2.86 -5.18 -8.31
N LYS A 168 -3.85 -5.93 -8.74
CA LYS A 168 -3.81 -6.60 -10.04
C LYS A 168 -4.80 -5.92 -10.97
N THR A 169 -4.35 -5.58 -12.17
CA THR A 169 -5.17 -5.00 -13.22
C THR A 169 -6.36 -5.88 -13.56
N ILE A 170 -7.52 -5.30 -13.79
CA ILE A 170 -8.64 -6.08 -14.28
C ILE A 170 -8.92 -5.68 -15.73
N ILE A 171 -9.23 -6.66 -16.57
CA ILE A 171 -9.44 -6.45 -17.99
C ILE A 171 -10.87 -6.83 -18.36
N VAL A 172 -11.68 -5.87 -18.80
CA VAL A 172 -13.01 -6.16 -19.31
C VAL A 172 -12.95 -6.28 -20.83
N HIS A 173 -13.55 -7.35 -21.33
CA HIS A 173 -13.57 -7.69 -22.75
C HIS A 173 -15.02 -7.64 -23.20
N LEU A 174 -15.32 -6.70 -24.10
CA LEU A 174 -16.70 -6.37 -24.45
C LEU A 174 -17.31 -7.35 -25.46
N ASN A 175 -18.53 -7.82 -25.14
CA ASN A 175 -19.55 -8.25 -26.08
C ASN A 175 -19.39 -7.69 -27.50
N LYS A 176 -19.46 -6.37 -27.59
CA LYS A 176 -19.83 -5.71 -28.84
C LYS A 176 -19.11 -4.36 -28.90
N SER A 177 -18.39 -4.12 -30.00
CA SER A 177 -17.49 -2.98 -30.05
C SER A 177 -18.26 -1.66 -30.21
N VAL A 178 -17.62 -0.57 -29.79
CA VAL A 178 -18.17 0.77 -30.01
C VAL A 178 -17.11 1.65 -30.69
N GLU A 179 -17.49 2.35 -31.74
CA GLU A 179 -16.49 3.15 -32.46
C GLU A 179 -16.05 4.35 -31.64
N ILE A 180 -14.76 4.64 -31.72
CA ILE A 180 -14.22 5.93 -31.28
C ILE A 180 -13.59 6.60 -32.49
N ASN A 181 -14.05 7.82 -32.78
CA ASN A 181 -13.67 8.57 -33.97
C ASN A 181 -12.85 9.78 -33.52
N CYS A 182 -11.54 9.75 -33.73
CA CYS A 182 -10.69 10.85 -33.29
C CYS A 182 -10.20 11.68 -34.47
N THR A 183 -10.22 12.99 -34.30
CA THR A 183 -10.02 13.92 -35.40
C THR A 183 -9.32 15.18 -34.92
N ARG A 184 -8.15 15.45 -35.51
CA ARG A 184 -7.54 16.78 -35.53
C ARG A 184 -7.84 17.41 -36.89
N PRO A 185 -8.69 18.42 -36.96
CA PRO A 185 -9.15 18.96 -38.26
C PRO A 185 -8.24 20.03 -38.84
N SER A 186 -8.59 20.47 -40.05
CA SER A 186 -7.83 21.51 -40.73
C SER A 186 -8.22 22.91 -40.29
N ASP A 195 -3.39 25.37 -30.59
CA ASP A 195 -4.20 25.65 -31.77
C ASP A 195 -4.25 24.42 -32.67
N ILE A 196 -3.09 23.90 -33.07
CA ILE A 196 -3.05 22.75 -33.96
C ILE A 196 -2.68 21.47 -33.25
N ARG A 197 -2.40 21.54 -31.96
CA ARG A 197 -2.31 20.37 -31.12
C ARG A 197 -3.69 19.83 -30.72
N LYS A 198 -4.73 20.63 -30.85
CA LYS A 198 -6.00 20.30 -30.24
C LYS A 198 -6.84 19.47 -31.21
N ALA A 199 -7.44 18.40 -30.68
CA ALA A 199 -8.29 17.50 -31.44
C ALA A 199 -9.42 17.01 -30.55
N TYR A 200 -10.24 16.10 -31.07
CA TYR A 200 -11.21 15.49 -30.16
C TYR A 200 -11.72 14.16 -30.71
N CYS A 201 -12.30 13.37 -29.81
CA CYS A 201 -12.87 12.08 -30.16
C CYS A 201 -14.39 12.13 -30.00
N GLU A 202 -15.09 11.36 -30.83
CA GLU A 202 -16.54 11.26 -30.82
C GLU A 202 -16.97 9.81 -30.58
N ILE A 203 -17.90 9.65 -29.66
CA ILE A 203 -18.43 8.37 -29.21
C ILE A 203 -19.95 8.47 -29.16
N ASN A 204 -20.65 7.49 -29.69
CA ASN A 204 -22.10 7.54 -29.64
C ASN A 204 -22.53 7.22 -28.22
N GLY A 205 -23.08 8.23 -27.53
CA GLY A 205 -23.37 8.09 -26.11
C GLY A 205 -24.39 7.00 -25.83
N THR A 206 -25.35 6.82 -26.74
CA THR A 206 -26.37 5.81 -26.53
C THR A 206 -25.77 4.42 -26.47
N LYS A 207 -25.05 4.03 -27.53
CA LYS A 207 -24.42 2.71 -27.55
C LYS A 207 -23.51 2.54 -26.36
N TRP A 208 -22.68 3.54 -26.11
CA TRP A 208 -21.64 3.42 -25.11
C TRP A 208 -22.22 3.21 -23.73
N ASN A 209 -23.24 3.99 -23.38
CA ASN A 209 -23.79 3.86 -22.04
C ASN A 209 -24.56 2.57 -21.92
N LYS A 210 -25.20 2.12 -22.99
CA LYS A 210 -25.81 0.81 -22.92
C LYS A 210 -24.77 -0.24 -22.53
N VAL A 211 -23.63 -0.23 -23.22
CA VAL A 211 -22.55 -1.16 -22.92
C VAL A 211 -22.02 -0.94 -21.50
N LEU A 212 -21.90 0.31 -21.05
CA LEU A 212 -21.29 0.55 -19.75
C LEU A 212 -22.22 0.10 -18.63
N LYS A 213 -23.53 0.25 -18.82
CA LYS A 213 -24.49 -0.37 -17.92
C LYS A 213 -24.29 -1.87 -17.88
N GLN A 214 -24.13 -2.53 -19.04
CA GLN A 214 -23.89 -3.98 -19.00
C GLN A 214 -22.60 -4.34 -18.26
N VAL A 215 -21.56 -3.53 -18.43
CA VAL A 215 -20.28 -3.81 -17.80
C VAL A 215 -20.39 -3.68 -16.28
N THR A 216 -21.24 -2.75 -15.81
CA THR A 216 -21.43 -2.65 -14.37
C THR A 216 -22.24 -3.83 -13.86
N GLU A 217 -23.23 -4.30 -14.62
CA GLU A 217 -23.99 -5.43 -14.11
C GLU A 217 -23.10 -6.65 -13.92
N LYS A 218 -22.16 -6.88 -14.85
CA LYS A 218 -21.25 -8.00 -14.65
C LYS A 218 -20.26 -7.74 -13.51
N LEU A 219 -19.71 -6.52 -13.38
CA LEU A 219 -18.87 -6.25 -12.22
C LEU A 219 -19.64 -6.46 -10.92
N LYS A 220 -20.94 -6.16 -10.91
CA LYS A 220 -21.82 -6.44 -9.78
C LYS A 220 -21.87 -7.93 -9.51
N GLU A 221 -22.02 -8.73 -10.57
CA GLU A 221 -21.94 -10.18 -10.39
C GLU A 221 -20.68 -10.58 -9.64
N HIS A 222 -19.53 -10.06 -10.06
CA HIS A 222 -18.31 -10.49 -9.39
C HIS A 222 -18.05 -9.83 -8.04
N PHE A 223 -18.84 -8.84 -7.62
CA PHE A 223 -18.59 -8.22 -6.32
C PHE A 223 -19.78 -8.32 -5.36
N ASN A 224 -20.44 -9.47 -5.31
CA ASN A 224 -21.53 -9.75 -4.38
C ASN A 224 -22.59 -8.67 -4.43
N ASN A 225 -23.07 -8.45 -5.66
CA ASN A 225 -24.10 -7.47 -5.98
C ASN A 225 -23.91 -6.21 -5.12
N LYS A 226 -22.79 -5.53 -5.36
CA LYS A 226 -22.39 -4.30 -4.71
C LYS A 226 -22.65 -3.12 -5.63
N THR A 227 -22.54 -1.91 -5.11
CA THR A 227 -22.84 -0.73 -5.90
C THR A 227 -21.56 -0.26 -6.60
N ILE A 228 -21.64 -0.10 -7.91
CA ILE A 228 -20.48 0.09 -8.76
C ILE A 228 -20.43 1.55 -9.20
N ILE A 229 -19.29 2.18 -9.00
CA ILE A 229 -19.10 3.53 -9.50
C ILE A 229 -17.70 3.67 -10.08
N PHE A 230 -17.56 4.57 -11.05
CA PHE A 230 -16.31 4.87 -11.73
C PHE A 230 -15.76 6.23 -11.27
N GLN A 231 -14.45 6.41 -11.41
CA GLN A 231 -13.82 7.65 -10.96
C GLN A 231 -12.56 7.87 -11.77
N PRO A 232 -12.16 9.13 -11.99
CA PRO A 232 -10.93 9.41 -12.76
C PRO A 232 -9.73 8.74 -12.12
N PRO A 233 -8.69 8.47 -12.90
CA PRO A 233 -7.49 7.88 -12.34
C PRO A 233 -6.97 8.73 -11.18
N SER A 234 -6.46 8.05 -10.16
CA SER A 234 -6.09 8.74 -8.92
C SER A 234 -4.75 9.46 -9.04
N GLY A 235 -3.83 8.87 -9.77
CA GLY A 235 -2.51 9.44 -9.88
C GLY A 235 -1.82 8.96 -11.12
N GLY A 236 -0.59 9.42 -11.29
CA GLY A 236 0.31 8.87 -12.26
C GLY A 236 0.54 9.80 -13.45
N ASP A 237 1.31 9.27 -14.39
CA ASP A 237 1.78 10.01 -15.54
C ASP A 237 0.67 10.19 -16.58
N LEU A 238 0.90 11.21 -17.42
CA LEU A 238 -0.06 11.65 -18.42
C LEU A 238 -0.54 10.50 -19.30
N GLU A 239 0.38 9.60 -19.67
CA GLU A 239 0.06 8.45 -20.51
C GLU A 239 -0.95 7.48 -19.90
N ILE A 240 -1.03 7.41 -18.56
CA ILE A 240 -1.99 6.51 -17.93
C ILE A 240 -3.25 7.28 -17.49
N THR A 241 -3.10 8.56 -17.13
CA THR A 241 -4.29 9.25 -16.66
C THR A 241 -5.19 9.72 -17.79
N MET A 242 -4.78 9.54 -19.04
CA MET A 242 -5.68 9.74 -20.16
C MET A 242 -5.51 8.63 -21.16
N HIS A 243 -6.52 8.46 -21.98
CA HIS A 243 -6.45 7.47 -23.04
C HIS A 243 -5.43 7.93 -24.08
N SER A 244 -4.27 7.28 -24.10
CA SER A 244 -3.19 7.66 -25.00
C SER A 244 -3.12 6.67 -26.14
N PHE A 245 -2.63 7.12 -27.30
CA PHE A 245 -2.45 6.21 -28.42
C PHE A 245 -1.79 6.88 -29.61
N ASN A 246 -1.42 6.08 -30.59
CA ASN A 246 -0.77 6.58 -31.77
C ASN A 246 -1.71 6.46 -32.95
N CYS A 247 -1.90 7.56 -33.64
CA CYS A 247 -2.60 7.52 -34.91
C CYS A 247 -1.78 8.22 -35.96
N ARG A 248 -1.41 7.48 -37.01
CA ARG A 248 -0.63 7.97 -38.15
C ARG A 248 0.68 8.62 -37.72
N GLY A 249 1.25 8.16 -36.60
CA GLY A 249 2.49 8.70 -36.06
C GLY A 249 2.30 9.83 -35.06
N GLU A 250 1.09 10.36 -34.93
CA GLU A 250 0.81 11.40 -33.97
C GLU A 250 0.37 10.77 -32.66
N PHE A 251 0.85 11.33 -31.57
CA PHE A 251 0.55 10.82 -30.24
C PHE A 251 -0.63 11.60 -29.66
N PHE A 252 -1.80 10.98 -29.64
CA PHE A 252 -2.99 11.58 -29.08
C PHE A 252 -3.14 11.23 -27.61
N TYR A 253 -3.63 12.20 -26.85
CA TYR A 253 -3.95 12.05 -25.44
C TYR A 253 -5.35 12.61 -25.26
N CYS A 254 -6.28 11.77 -24.79
CA CYS A 254 -7.69 12.13 -24.62
C CYS A 254 -8.13 12.04 -23.16
N ASN A 255 -8.68 13.14 -22.63
CA ASN A 255 -9.37 13.12 -21.35
C ASN A 255 -10.64 12.30 -21.50
N THR A 256 -10.73 11.19 -20.77
CA THR A 256 -11.86 10.28 -20.91
C THR A 256 -12.81 10.37 -19.75
N THR A 257 -12.74 11.46 -18.99
CA THR A 257 -13.57 11.57 -17.80
C THR A 257 -15.03 11.33 -18.14
N GLN A 258 -15.56 12.04 -19.14
CA GLN A 258 -16.97 11.89 -19.50
C GLN A 258 -17.33 10.48 -19.97
N LEU A 259 -16.37 9.71 -20.50
CA LEU A 259 -16.66 8.32 -20.81
C LEU A 259 -17.20 7.54 -19.62
N PHE A 260 -16.81 7.91 -18.39
CA PHE A 260 -17.31 7.14 -17.26
C PHE A 260 -18.26 7.93 -16.37
N ASN A 261 -19.37 8.40 -16.95
CA ASN A 261 -20.29 9.33 -16.31
C ASN A 261 -21.26 8.51 -15.47
N ASN A 262 -21.03 8.49 -14.16
CA ASN A 262 -21.82 7.66 -13.27
C ASN A 262 -23.28 8.04 -13.34
N THR A 263 -23.54 9.35 -13.30
CA THR A 263 -24.90 9.85 -13.32
C THR A 263 -25.74 9.20 -14.42
N CYS A 264 -25.18 8.98 -15.60
CA CYS A 264 -26.11 8.53 -16.62
C CYS A 264 -25.57 7.23 -17.21
N ILE A 265 -26.01 6.15 -16.58
CA ILE A 265 -25.67 4.76 -16.91
C ILE A 265 -26.65 4.19 -17.93
N CYS A 273 -28.16 13.00 -22.05
CA CYS A 273 -26.71 12.83 -22.25
C CYS A 273 -26.38 11.82 -23.37
N ASN A 274 -27.44 11.33 -24.02
CA ASN A 274 -27.33 10.26 -25.01
C ASN A 274 -27.40 10.77 -26.43
N GLY A 275 -26.66 11.84 -26.72
CA GLY A 275 -26.34 12.23 -28.08
C GLY A 275 -24.94 11.72 -28.36
N THR A 276 -24.01 12.59 -28.73
CA THR A 276 -22.63 12.18 -28.94
C THR A 276 -21.77 12.73 -27.83
N ILE A 277 -20.98 11.85 -27.22
CA ILE A 277 -19.99 12.21 -26.22
C ILE A 277 -18.71 12.62 -26.95
N THR A 278 -18.19 13.82 -26.65
CA THR A 278 -17.01 14.35 -27.35
C THR A 278 -15.90 14.63 -26.35
N LEU A 279 -14.80 13.90 -26.47
CA LEU A 279 -13.69 13.99 -25.53
C LEU A 279 -12.62 14.91 -26.05
N PRO A 280 -12.07 15.77 -25.18
CA PRO A 280 -11.02 16.71 -25.63
C PRO A 280 -9.66 16.01 -25.62
N CYS A 281 -8.95 16.09 -26.74
CA CYS A 281 -7.64 15.48 -26.89
C CYS A 281 -6.63 16.51 -27.36
N LYS A 282 -5.39 16.11 -27.29
CA LYS A 282 -4.27 16.92 -27.70
C LYS A 282 -3.26 15.97 -28.33
N ILE A 283 -2.64 16.45 -29.40
CA ILE A 283 -1.49 15.81 -30.02
C ILE A 283 -0.26 16.36 -29.32
N LYS A 284 0.52 15.48 -28.71
CA LYS A 284 1.68 15.91 -27.95
C LYS A 284 2.95 15.62 -28.74
N GLN A 285 3.99 16.40 -28.47
CA GLN A 285 5.28 16.18 -29.10
C GLN A 285 6.35 15.79 -28.12
N ILE A 286 6.23 16.20 -26.87
CA ILE A 286 7.05 15.67 -25.79
C ILE A 286 6.32 14.46 -25.24
N ILE A 287 6.91 13.28 -25.33
CA ILE A 287 6.30 12.09 -24.75
C ILE A 287 7.33 11.35 -23.90
N ASN A 288 6.84 10.71 -22.85
CA ASN A 288 7.69 9.80 -22.11
C ASN A 288 7.97 8.58 -22.96
N MET A 289 9.18 8.06 -22.83
CA MET A 289 9.55 6.85 -23.55
C MET A 289 8.98 5.67 -22.81
N TRP A 290 8.24 4.81 -23.51
CA TRP A 290 7.62 3.69 -22.79
C TRP A 290 8.56 2.53 -22.67
N GLN A 291 9.83 2.79 -22.92
CA GLN A 291 10.94 1.98 -22.45
C GLN A 291 11.44 2.47 -21.10
N GLY A 292 10.50 2.72 -20.17
CA GLY A 292 10.80 3.35 -18.89
C GLY A 292 11.52 4.68 -19.03
N THR A 293 12.85 4.59 -19.16
CA THR A 293 13.87 5.64 -19.37
C THR A 293 13.47 7.11 -19.21
N GLY A 294 13.43 7.87 -20.33
CA GLY A 294 13.40 9.32 -20.34
C GLY A 294 12.34 9.86 -21.29
N GLN A 295 12.63 11.01 -21.91
CA GLN A 295 11.63 11.59 -22.81
C GLN A 295 12.16 11.84 -24.23
N ALA A 296 11.20 11.92 -25.15
CA ALA A 296 11.47 12.07 -26.58
C ALA A 296 10.61 13.18 -27.20
N MET A 297 11.26 14.04 -27.98
CA MET A 297 10.62 15.15 -28.69
C MET A 297 10.29 14.74 -30.13
N TYR A 298 9.10 15.12 -30.60
CA TYR A 298 8.66 14.80 -31.95
C TYR A 298 8.25 16.08 -32.67
N ALA A 299 8.22 15.99 -34.01
CA ALA A 299 7.98 17.16 -34.83
C ALA A 299 6.49 17.53 -34.78
N PRO A 300 6.18 18.85 -35.00
CA PRO A 300 4.74 19.19 -34.97
C PRO A 300 3.98 18.44 -36.00
N PRO A 301 2.67 18.30 -35.79
CA PRO A 301 1.91 17.33 -36.60
C PRO A 301 1.77 17.69 -38.07
N ILE A 302 1.11 16.79 -38.82
CA ILE A 302 0.81 16.99 -40.23
C ILE A 302 -0.12 18.18 -40.36
N ASP A 303 -0.31 18.67 -41.57
CA ASP A 303 -1.43 19.55 -41.88
C ASP A 303 -2.61 18.73 -42.40
N GLY A 304 -3.78 19.37 -42.50
CA GLY A 304 -4.98 18.64 -42.88
C GLY A 304 -5.56 17.72 -41.79
N LYS A 305 -6.49 16.87 -42.22
CA LYS A 305 -7.35 16.12 -41.31
C LYS A 305 -6.67 14.82 -40.90
N ILE A 306 -6.23 14.74 -39.66
CA ILE A 306 -5.79 13.49 -39.06
C ILE A 306 -7.02 12.85 -38.42
N ASN A 307 -7.36 11.63 -38.85
CA ASN A 307 -8.61 11.00 -38.47
C ASN A 307 -8.45 9.49 -38.32
N CYS A 308 -8.95 8.97 -37.21
CA CYS A 308 -8.79 7.57 -36.87
C CYS A 308 -10.09 7.05 -36.32
N VAL A 309 -10.63 6.02 -36.93
CA VAL A 309 -11.78 5.32 -36.39
C VAL A 309 -11.25 4.01 -35.83
N SER A 310 -11.63 3.70 -34.58
CA SER A 310 -11.16 2.49 -33.91
C SER A 310 -12.31 1.85 -33.16
N ASN A 311 -12.44 0.53 -33.26
CA ASN A 311 -13.34 -0.14 -32.34
C ASN A 311 -12.79 -0.09 -30.92
N ILE A 312 -13.64 0.25 -29.97
CA ILE A 312 -13.38 -0.05 -28.56
C ILE A 312 -13.83 -1.48 -28.31
N THR A 313 -12.87 -2.33 -27.92
CA THR A 313 -13.12 -3.72 -27.57
C THR A 313 -12.89 -4.04 -26.10
N GLY A 314 -12.09 -3.26 -25.39
CA GLY A 314 -11.74 -3.60 -24.03
C GLY A 314 -11.44 -2.37 -23.20
N ILE A 315 -11.51 -2.55 -21.89
CA ILE A 315 -11.12 -1.53 -20.91
C ILE A 315 -10.24 -2.16 -19.84
N LEU A 316 -9.28 -1.40 -19.36
CA LEU A 316 -8.39 -1.80 -18.28
C LEU A 316 -8.71 -0.95 -17.06
N LEU A 317 -9.00 -1.59 -15.93
CA LEU A 317 -9.39 -0.88 -14.74
C LEU A 317 -8.61 -1.34 -13.53
N THR A 318 -8.70 -0.53 -12.48
CA THR A 318 -8.12 -0.80 -11.17
C THR A 318 -9.18 -0.53 -10.12
N ARG A 319 -9.37 -1.50 -9.23
CA ARG A 319 -10.25 -1.37 -8.08
C ARG A 319 -9.55 -0.66 -6.93
N ASP A 320 -10.26 0.17 -6.21
CA ASP A 320 -9.65 0.91 -5.12
C ASP A 320 -9.72 0.08 -3.86
N GLY A 321 -8.59 -0.07 -3.20
CA GLY A 321 -8.50 -0.84 -2.00
C GLY A 321 -9.19 -0.13 -0.85
N GLY A 322 -8.94 -0.64 0.35
CA GLY A 322 -9.78 -0.29 1.46
C GLY A 322 -11.18 -0.75 1.08
N ALA A 323 -12.18 -0.09 1.66
CA ALA A 323 -13.55 -0.20 1.18
C ALA A 323 -14.16 -1.58 1.46
N ASN A 324 -13.54 -2.39 2.31
CA ASN A 324 -14.20 -3.63 2.68
C ASN A 324 -15.40 -3.35 3.57
N ASN A 325 -15.33 -2.30 4.38
CA ASN A 325 -16.39 -1.96 5.32
C ASN A 325 -17.49 -1.13 4.68
N THR A 326 -17.63 -1.17 3.36
CA THR A 326 -18.51 -0.23 2.66
C THR A 326 -19.50 -0.99 1.80
N SER A 327 -20.31 -0.22 1.10
CA SER A 327 -21.34 -0.83 0.29
C SER A 327 -21.07 -0.62 -1.19
N ASN A 328 -19.90 -0.09 -1.54
CA ASN A 328 -19.62 0.22 -2.93
C ASN A 328 -18.19 -0.15 -3.32
N GLU A 329 -18.04 -0.53 -4.60
CA GLU A 329 -16.74 -0.69 -5.21
C GLU A 329 -16.55 0.39 -6.25
N THR A 330 -15.37 0.99 -6.23
CA THR A 330 -15.02 2.04 -7.15
C THR A 330 -13.85 1.58 -7.99
N PHE A 331 -13.96 1.82 -9.29
CA PHE A 331 -12.98 1.46 -10.29
C PHE A 331 -12.45 2.72 -10.98
N ARG A 332 -11.19 2.68 -11.36
CA ARG A 332 -10.60 3.75 -12.13
C ARG A 332 -9.98 3.21 -13.40
N PRO A 333 -10.09 3.92 -14.51
CA PRO A 333 -9.41 3.47 -15.72
C PRO A 333 -7.91 3.66 -15.58
N GLY A 334 -7.17 2.81 -16.28
CA GLY A 334 -5.74 3.02 -16.37
C GLY A 334 -5.01 1.82 -16.89
N GLY A 335 -4.15 2.03 -17.87
CA GLY A 335 -3.19 1.01 -18.25
C GLY A 335 -1.86 1.31 -17.58
N GLY A 336 -0.75 1.22 -18.33
CA GLY A 336 0.57 1.39 -17.75
C GLY A 336 1.48 0.21 -18.06
N ASN A 337 0.96 -1.01 -17.94
CA ASN A 337 1.63 -2.22 -18.40
C ASN A 337 1.11 -2.56 -19.79
N ILE A 338 1.91 -2.26 -20.82
CA ILE A 338 1.46 -2.50 -22.18
C ILE A 338 1.24 -4.00 -22.38
N LYS A 339 1.96 -4.82 -21.61
CA LYS A 339 1.89 -6.29 -21.68
C LYS A 339 0.46 -6.83 -21.47
N ASP A 340 -0.34 -6.18 -20.65
CA ASP A 340 -1.73 -6.61 -20.46
C ASP A 340 -2.54 -6.47 -21.73
N ASN A 341 -2.25 -5.42 -22.52
CA ASN A 341 -2.72 -5.34 -23.89
C ASN A 341 -2.53 -6.68 -24.59
N TRP A 342 -1.27 -7.15 -24.63
CA TRP A 342 -0.98 -8.40 -25.31
C TRP A 342 -1.76 -9.54 -24.70
N ARG A 343 -1.92 -9.51 -23.36
CA ARG A 343 -2.60 -10.60 -22.67
C ARG A 343 -4.04 -10.65 -23.10
N SER A 344 -4.66 -9.49 -23.26
CA SER A 344 -6.04 -9.44 -23.71
C SER A 344 -6.25 -10.05 -25.09
N GLU A 345 -5.16 -10.36 -25.81
CA GLU A 345 -5.26 -10.96 -27.14
C GLU A 345 -4.70 -12.36 -27.20
N LEU A 346 -3.87 -12.76 -26.23
CA LEU A 346 -3.23 -14.08 -26.24
C LEU A 346 -3.75 -15.00 -25.14
N TYR A 347 -4.85 -14.61 -24.48
CA TYR A 347 -5.33 -15.34 -23.31
C TYR A 347 -5.76 -16.76 -23.64
N LYS A 348 -5.98 -17.05 -24.92
CA LYS A 348 -6.46 -18.37 -25.27
C LYS A 348 -5.36 -19.27 -25.80
N TYR A 349 -4.12 -18.80 -25.83
CA TYR A 349 -3.03 -19.56 -26.42
C TYR A 349 -2.07 -20.01 -25.33
N LYS A 350 -1.45 -21.17 -25.58
CA LYS A 350 -0.42 -21.72 -24.70
C LYS A 350 0.54 -22.56 -25.54
N VAL A 351 1.82 -22.45 -25.29
CA VAL A 351 2.82 -23.13 -26.10
C VAL A 351 3.29 -24.38 -25.38
N VAL A 352 3.18 -25.53 -26.03
CA VAL A 352 3.65 -26.78 -25.43
C VAL A 352 4.65 -27.44 -26.36
N GLN A 353 5.37 -28.40 -25.80
CA GLN A 353 6.29 -29.22 -26.58
C GLN A 353 5.87 -30.67 -26.44
N ILE A 354 5.94 -31.39 -27.54
CA ILE A 354 5.42 -32.73 -27.53
C ILE A 354 6.33 -33.69 -26.74
N ALA B 1 20.01 -5.42 -1.99
CA ALA B 1 18.70 -4.81 -2.08
C ALA B 1 18.40 -4.06 -0.79
N GLY B 2 17.80 -2.88 -0.92
CA GLY B 2 17.60 -2.05 0.24
C GLY B 2 16.84 -0.78 -0.06
N LEU B 3 16.14 -0.28 0.96
CA LEU B 3 15.42 0.99 0.92
C LEU B 3 15.96 1.87 2.03
N MET B 4 16.33 3.09 1.70
CA MET B 4 16.89 4.01 2.68
C MET B 4 15.93 5.19 2.84
N GLN B 5 15.29 5.30 4.00
CA GLN B 5 14.33 6.37 4.16
C GLN B 5 14.98 7.62 4.73
N SER B 6 14.24 8.72 4.67
CA SER B 6 14.75 10.00 5.12
C SER B 6 14.51 10.16 6.63
N GLY B 7 15.27 11.06 7.24
CA GLY B 7 15.23 11.27 8.67
C GLY B 7 13.93 11.88 9.19
N ALA B 8 13.90 12.08 10.50
CA ALA B 8 12.66 12.50 11.14
C ALA B 8 12.41 14.00 10.91
N VAL B 9 11.14 14.35 10.80
CA VAL B 9 10.75 15.72 10.56
C VAL B 9 9.71 16.11 11.58
N MET B 10 9.65 17.41 11.83
CA MET B 10 8.74 18.02 12.79
C MET B 10 7.95 19.10 12.07
N LYS B 11 6.64 19.12 12.26
CA LYS B 11 5.80 20.11 11.60
C LYS B 11 4.69 20.58 12.53
N ASN B 12 4.08 21.70 12.18
CA ASN B 12 2.97 22.32 12.91
C ASN B 12 1.65 21.96 12.24
N SER B 13 0.56 22.10 13.00
CA SER B 13 -0.77 21.84 12.46
C SER B 13 -0.95 22.55 11.13
N GLY B 14 -1.71 21.94 10.23
CA GLY B 14 -1.69 22.41 8.86
C GLY B 14 -0.35 22.02 8.25
N ALA B 15 0.04 22.73 7.19
CA ALA B 15 1.30 22.44 6.51
C ALA B 15 1.35 21.06 5.88
N SER B 16 2.35 20.85 5.03
CA SER B 16 2.56 19.58 4.34
C SER B 16 4.01 19.16 4.55
N VAL B 17 4.26 17.86 4.42
CA VAL B 17 5.63 17.36 4.48
C VAL B 17 5.79 16.24 3.47
N ARG B 18 7.05 16.01 3.11
CA ARG B 18 7.41 15.04 2.09
C ARG B 18 8.53 14.19 2.64
N VAL B 19 8.44 12.89 2.47
CA VAL B 19 9.47 11.99 2.96
C VAL B 19 9.81 11.02 1.84
N SER B 20 11.08 10.65 1.76
CA SER B 20 11.51 9.91 0.58
C SER B 20 12.05 8.52 0.97
N CYS B 21 12.09 7.65 -0.02
CA CYS B 21 12.62 6.31 0.12
C CYS B 21 13.50 6.08 -1.09
N GLN B 22 14.77 5.83 -0.84
CA GLN B 22 15.78 5.72 -1.87
C GLN B 22 16.13 4.24 -2.03
N ALA B 23 15.64 3.64 -3.13
CA ALA B 23 15.94 2.26 -3.48
C ALA B 23 17.36 2.09 -3.96
N ASP B 24 17.91 0.90 -3.73
CA ASP B 24 19.24 0.56 -4.22
C ASP B 24 19.41 -0.94 -4.18
N GLY B 25 20.15 -1.47 -5.15
CA GLY B 25 20.44 -2.88 -5.20
C GLY B 25 19.53 -3.70 -6.08
N TYR B 26 18.58 -3.07 -6.78
CA TYR B 26 17.59 -3.82 -7.53
C TYR B 26 16.89 -2.90 -8.52
N ASP B 27 16.15 -3.49 -9.44
CA ASP B 27 15.46 -2.74 -10.49
C ASP B 27 14.17 -2.15 -9.93
N PHE B 28 14.33 -0.95 -9.37
CA PHE B 28 13.23 -0.14 -8.83
C PHE B 28 12.01 -0.08 -9.73
N ILE B 29 12.20 -0.17 -11.05
CA ILE B 29 11.11 0.13 -11.97
C ILE B 29 10.11 -1.00 -12.04
N ASP B 30 10.58 -2.23 -11.88
N ASP B 30 10.58 -2.23 -11.85
CA ASP B 30 9.70 -3.32 -11.53
CA ASP B 30 9.66 -3.30 -11.53
C ASP B 30 9.33 -3.23 -10.05
C ASP B 30 9.31 -3.22 -10.05
N TYR B 31 8.26 -3.94 -9.68
CA TYR B 31 7.84 -4.08 -8.28
C TYR B 31 7.14 -2.84 -7.77
N VAL B 32 5.99 -3.06 -7.20
CA VAL B 32 5.18 -2.01 -6.59
C VAL B 32 5.75 -1.63 -5.21
N ILE B 33 5.44 -0.42 -4.79
CA ILE B 33 5.82 0.09 -3.48
C ILE B 33 4.55 0.47 -2.72
N HIS B 34 4.40 -0.05 -1.50
CA HIS B 34 3.32 0.39 -0.63
C HIS B 34 3.91 1.32 0.43
N TRP B 35 3.07 2.19 0.99
CA TRP B 35 3.45 2.89 2.20
C TRP B 35 2.50 2.48 3.32
N PHE B 36 2.95 2.63 4.56
CA PHE B 36 2.29 2.10 5.75
C PHE B 36 2.56 3.05 6.91
N ARG B 37 1.59 3.20 7.78
CA ARG B 37 1.74 4.15 8.87
C ARG B 37 1.45 3.45 10.19
N GLN B 38 2.23 3.79 11.21
CA GLN B 38 2.02 3.28 12.57
C GLN B 38 2.04 4.42 13.56
N ARG B 39 0.89 4.70 14.16
CA ARG B 39 0.86 5.67 15.24
C ARG B 39 1.29 5.00 16.55
N ARG B 40 1.74 5.82 17.50
CA ARG B 40 2.30 5.30 18.74
C ARG B 40 1.25 4.50 19.49
N GLY B 41 1.55 3.22 19.75
CA GLY B 41 0.61 2.34 20.37
C GLY B 41 -0.34 1.62 19.43
N GLU B 42 -0.40 2.02 18.17
CA GLU B 42 -1.32 1.37 17.26
C GLU B 42 -0.57 0.43 16.33
N GLY B 43 -1.35 -0.36 15.61
CA GLY B 43 -0.79 -1.19 14.58
C GLY B 43 -0.66 -0.44 13.29
N LEU B 44 -0.03 -1.10 12.34
CA LEU B 44 0.19 -0.51 11.02
C LEU B 44 -1.11 -0.26 10.26
N GLU B 45 -1.16 0.84 9.54
CA GLU B 45 -2.26 1.16 8.65
C GLU B 45 -1.73 1.17 7.23
N TRP B 46 -2.53 0.69 6.28
CA TRP B 46 -2.15 0.74 4.87
C TRP B 46 -2.53 2.09 4.27
N LEU B 47 -1.57 2.77 3.65
CA LEU B 47 -1.79 4.09 3.08
C LEU B 47 -2.04 4.09 1.57
N GLY B 48 -1.78 2.99 0.90
CA GLY B 48 -1.83 2.93 -0.55
C GLY B 48 -0.60 2.33 -1.17
N TRP B 49 -0.68 2.07 -2.46
CA TRP B 49 0.45 1.59 -3.23
C TRP B 49 0.61 2.43 -4.49
N MET B 50 1.79 2.26 -5.08
CA MET B 50 2.24 3.08 -6.18
C MET B 50 3.14 2.21 -7.03
N ASN B 51 2.81 2.08 -8.30
CA ASN B 51 3.56 1.31 -9.27
C ASN B 51 4.58 2.27 -9.88
N PRO B 52 5.86 2.20 -9.51
CA PRO B 52 6.83 3.22 -9.99
C PRO B 52 6.98 3.26 -11.48
N SER B 53 6.45 2.29 -12.21
CA SER B 53 6.66 2.26 -13.65
C SER B 53 5.89 3.37 -14.34
N GLY B 54 4.57 3.39 -14.19
CA GLY B 54 3.79 4.48 -14.72
C GLY B 54 3.33 5.52 -13.71
N GLY B 55 3.72 5.38 -12.44
CA GLY B 55 3.26 6.24 -11.37
C GLY B 55 1.84 5.99 -10.90
N GLY B 56 1.19 4.92 -11.36
CA GLY B 56 -0.17 4.65 -10.91
C GLY B 56 -0.25 4.39 -9.41
N THR B 57 -1.38 4.78 -8.81
CA THR B 57 -1.55 4.66 -7.38
C THR B 57 -2.92 4.12 -7.06
N ASN B 58 -3.10 3.89 -5.76
CA ASN B 58 -4.29 3.25 -5.24
C ASN B 58 -4.26 3.56 -3.75
N TYR B 59 -5.16 4.47 -3.30
CA TYR B 59 -5.25 4.80 -1.89
C TYR B 59 -6.60 4.43 -1.33
N PRO B 60 -6.65 3.89 -0.09
CA PRO B 60 -7.94 3.72 0.60
C PRO B 60 -8.64 5.07 0.76
N ARG B 61 -9.98 5.03 0.67
CA ARG B 61 -10.79 6.25 0.80
C ARG B 61 -10.41 7.14 1.98
N PRO B 62 -10.17 6.62 3.19
CA PRO B 62 -9.76 7.49 4.32
C PRO B 62 -8.49 8.30 4.08
N PHE B 63 -7.72 8.03 3.04
CA PHE B 63 -6.45 8.71 2.88
C PHE B 63 -6.32 9.46 1.56
N GLN B 64 -7.24 9.26 0.62
CA GLN B 64 -7.15 10.02 -0.62
C GLN B 64 -7.44 11.48 -0.30
N GLY B 65 -6.63 12.38 -0.88
CA GLY B 65 -6.66 13.77 -0.52
C GLY B 65 -5.72 14.13 0.61
N LYS B 66 -5.40 13.19 1.50
CA LYS B 66 -4.45 13.44 2.57
C LYS B 66 -3.07 12.86 2.29
N VAL B 67 -2.98 11.89 1.42
CA VAL B 67 -1.71 11.26 1.11
C VAL B 67 -1.52 11.25 -0.41
N THR B 68 -0.27 11.48 -0.85
CA THR B 68 0.08 11.35 -2.28
C THR B 68 1.44 10.69 -2.45
N MET B 69 1.56 9.77 -3.39
CA MET B 69 2.82 9.05 -3.58
C MET B 69 3.31 9.26 -5.00
N THR B 70 4.59 9.55 -5.12
CA THR B 70 5.20 9.93 -6.38
C THR B 70 6.58 9.31 -6.45
N ARG B 71 7.21 9.43 -7.61
CA ARG B 71 8.53 8.82 -7.76
C ARG B 71 9.31 9.54 -8.85
N ASP B 72 10.60 9.34 -8.80
CA ASP B 72 11.54 9.78 -9.84
C ASP B 72 12.36 8.54 -10.22
N THR B 73 12.11 8.01 -11.42
CA THR B 73 12.77 6.79 -11.83
C THR B 73 14.25 6.99 -12.16
N SER B 74 14.68 8.21 -12.48
CA SER B 74 16.08 8.43 -12.84
C SER B 74 17.01 8.32 -11.66
N THR B 75 16.55 8.69 -10.48
CA THR B 75 17.31 8.48 -9.27
C THR B 75 16.80 7.28 -8.49
N GLU B 76 15.79 6.59 -9.00
CA GLU B 76 15.13 5.49 -8.28
C GLU B 76 14.72 5.92 -6.87
N THR B 77 13.75 6.86 -6.78
CA THR B 77 13.29 7.35 -5.49
C THR B 77 11.78 7.47 -5.42
N ALA B 78 11.20 6.94 -4.33
CA ALA B 78 9.79 7.06 -4.03
C ALA B 78 9.59 8.18 -3.01
N TYR B 79 8.40 8.74 -3.02
CA TYR B 79 8.08 9.94 -2.27
C TYR B 79 6.67 9.82 -1.73
N LEU B 80 6.52 10.21 -0.47
CA LEU B 80 5.23 10.21 0.21
C LEU B 80 4.98 11.63 0.68
N ASP B 81 3.77 12.11 0.44
CA ASP B 81 3.36 13.47 0.79
C ASP B 81 2.17 13.36 1.73
N VAL B 82 2.29 14.03 2.88
CA VAL B 82 1.22 14.09 3.93
C VAL B 82 0.76 15.55 3.99
N ARG B 83 -0.46 15.82 3.52
CA ARG B 83 -1.03 17.16 3.48
C ARG B 83 -1.98 17.41 4.62
N GLY B 84 -2.04 18.66 5.06
CA GLY B 84 -2.96 19.06 6.11
C GLY B 84 -2.65 18.34 7.40
N LEU B 85 -1.46 18.59 7.95
CA LEU B 85 -0.99 17.84 9.10
C LEU B 85 -1.83 18.14 10.34
N THR B 86 -2.34 17.08 10.94
CA THR B 86 -3.03 17.13 12.21
C THR B 86 -2.18 16.39 13.23
N TYR B 87 -2.66 16.35 14.45
CA TYR B 87 -1.89 15.62 15.44
C TYR B 87 -2.12 14.14 15.33
N ASP B 88 -3.22 13.74 14.68
CA ASP B 88 -3.43 12.34 14.32
C ASP B 88 -2.30 11.83 13.43
N ASP B 89 -1.76 12.69 12.57
CA ASP B 89 -0.76 12.30 11.60
C ASP B 89 0.63 12.05 12.19
N THR B 90 0.85 12.41 13.45
CA THR B 90 2.11 12.04 14.08
C THR B 90 2.26 10.53 14.09
N ALA B 91 3.31 10.02 13.44
CA ALA B 91 3.42 8.56 13.31
C ALA B 91 4.78 8.19 12.74
N VAL B 92 4.96 6.88 12.57
CA VAL B 92 6.08 6.27 11.85
C VAL B 92 5.59 5.83 10.48
N TYR B 93 6.25 6.29 9.42
CA TYR B 93 5.85 5.99 8.06
C TYR B 93 6.90 5.09 7.42
N TYR B 94 6.43 4.01 6.79
CA TYR B 94 7.24 2.93 6.24
C TYR B 94 6.93 2.81 4.74
N CYS B 95 7.95 2.73 3.89
CA CYS B 95 7.80 2.30 2.50
C CYS B 95 8.31 0.86 2.33
N VAL B 96 7.63 0.07 1.49
CA VAL B 96 8.05 -1.31 1.31
C VAL B 96 7.89 -1.74 -0.14
N ARG B 97 8.80 -2.59 -0.62
CA ARG B 97 8.66 -3.18 -1.94
C ARG B 97 8.03 -4.55 -1.83
N ASP B 98 6.96 -4.76 -2.65
CA ASP B 98 6.23 -6.02 -2.76
C ASP B 98 6.67 -6.73 -4.03
N ARG B 99 7.47 -7.77 -3.88
CA ARG B 99 7.98 -8.44 -5.08
C ARG B 99 6.92 -9.22 -5.85
N ALA B 100 5.67 -9.24 -5.41
CA ALA B 100 4.63 -10.04 -6.03
C ALA B 100 3.93 -9.34 -7.15
N ASN B 101 4.12 -8.03 -7.24
CA ASN B 101 3.38 -7.13 -8.10
C ASN B 101 4.35 -6.21 -8.81
N GLY B 102 4.04 -5.90 -10.06
CA GLY B 102 4.87 -5.02 -10.83
C GLY B 102 4.83 -5.43 -12.28
N SER B 103 5.65 -4.75 -13.06
CA SER B 103 5.79 -5.00 -14.49
C SER B 103 7.13 -5.65 -14.76
N GLY B 104 7.24 -6.32 -15.86
CA GLY B 104 8.48 -7.03 -16.04
C GLY B 104 8.42 -8.40 -15.43
N ARG B 105 9.60 -9.02 -15.36
CA ARG B 105 9.68 -10.47 -15.36
C ARG B 105 9.57 -11.07 -13.96
N ARG B 106 10.25 -10.53 -12.96
CA ARG B 106 10.48 -11.28 -11.72
C ARG B 106 9.39 -11.03 -10.67
N ARG B 107 8.15 -11.32 -11.00
CA ARG B 107 7.17 -11.47 -9.92
C ARG B 107 7.42 -12.80 -9.20
N PHE B 108 7.29 -12.76 -7.88
CA PHE B 108 7.88 -13.78 -7.02
C PHE B 108 7.03 -15.04 -6.87
N GLU B 109 5.72 -14.94 -7.07
CA GLU B 109 4.78 -16.05 -6.95
C GLU B 109 4.32 -16.21 -5.51
N SER B 110 3.46 -15.28 -5.10
CA SER B 110 2.78 -15.24 -3.83
C SER B 110 1.43 -14.64 -4.18
N VAL B 111 0.35 -15.24 -3.70
CA VAL B 111 -0.92 -14.58 -3.98
C VAL B 111 -1.08 -13.37 -3.05
N ASN B 112 -0.61 -13.47 -1.83
CA ASN B 112 -0.63 -12.36 -0.90
C ASN B 112 0.43 -11.36 -1.30
N TRP B 113 0.28 -10.12 -0.81
CA TRP B 113 1.32 -9.13 -1.01
C TRP B 113 2.56 -9.62 -0.29
N PHE B 114 3.63 -9.69 -1.06
CA PHE B 114 4.88 -10.22 -0.57
C PHE B 114 5.71 -9.06 -0.04
N LEU B 115 5.32 -8.59 1.14
CA LEU B 115 5.95 -7.39 1.66
C LEU B 115 7.36 -7.71 2.10
N ASP B 116 8.23 -7.76 1.10
CA ASP B 116 9.59 -8.26 1.15
C ASP B 116 10.56 -7.24 1.73
N LEU B 117 10.71 -6.07 1.08
CA LEU B 117 11.83 -5.20 1.47
C LEU B 117 11.31 -3.95 2.15
N TRP B 118 11.71 -3.74 3.40
CA TRP B 118 11.17 -2.65 4.20
C TRP B 118 12.23 -1.61 4.48
N GLY B 119 11.83 -0.36 4.41
CA GLY B 119 12.68 0.68 4.91
C GLY B 119 12.66 0.65 6.41
N ARG B 120 13.46 1.53 7.01
CA ARG B 120 13.53 1.54 8.45
C ARG B 120 12.48 2.46 9.09
N GLY B 121 11.84 3.33 8.32
CA GLY B 121 10.80 4.20 8.82
C GLY B 121 11.27 5.63 9.00
N THR B 122 10.33 6.57 8.83
CA THR B 122 10.58 8.00 9.02
C THR B 122 9.54 8.52 10.00
N GLN B 123 9.98 9.27 11.00
CA GLN B 123 9.07 9.79 12.03
C GLN B 123 8.60 11.19 11.68
N ILE B 124 7.29 11.33 11.49
CA ILE B 124 6.67 12.62 11.29
C ILE B 124 6.01 13.01 12.61
N THR B 125 6.52 14.07 13.23
CA THR B 125 5.99 14.54 14.50
C THR B 125 5.27 15.86 14.26
N VAL B 126 4.02 15.93 14.66
CA VAL B 126 3.22 17.14 14.51
C VAL B 126 3.04 17.74 15.90
N VAL B 127 3.69 18.89 16.08
CA VAL B 127 3.72 19.64 17.33
C VAL B 127 3.23 21.03 16.98
N SER B 128 2.10 21.44 17.55
CA SER B 128 1.72 22.83 17.30
C SER B 128 2.74 23.73 17.98
N ALA B 129 3.63 24.33 17.19
CA ALA B 129 4.76 25.09 17.71
C ALA B 129 4.25 26.40 18.29
N SER B 130 5.21 27.25 18.70
CA SER B 130 5.13 28.24 19.78
C SER B 130 6.12 27.84 20.86
N THR B 131 5.80 28.07 22.12
CA THR B 131 6.72 27.61 23.15
C THR B 131 5.97 27.02 24.34
N LYS B 132 5.63 27.86 25.33
CA LYS B 132 4.88 27.47 26.52
C LYS B 132 5.70 26.67 27.52
N GLY B 133 6.07 27.32 28.61
CA GLY B 133 6.56 26.66 29.79
C GLY B 133 5.46 25.84 30.43
N PRO B 134 5.86 24.83 31.19
CA PRO B 134 4.89 23.88 31.73
C PRO B 134 4.29 24.34 33.05
N SER B 135 3.14 23.77 33.36
CA SER B 135 2.59 23.87 34.71
C SER B 135 2.89 22.56 35.41
N VAL B 136 3.23 22.64 36.69
CA VAL B 136 3.65 21.46 37.43
C VAL B 136 2.68 21.20 38.58
N PHE B 137 2.24 19.96 38.71
CA PHE B 137 1.23 19.58 39.67
C PHE B 137 1.67 18.40 40.53
N PRO B 138 1.26 18.37 41.80
CA PRO B 138 1.65 17.25 42.66
C PRO B 138 0.74 16.04 42.45
N LEU B 139 1.36 14.87 42.31
CA LEU B 139 0.68 13.60 42.47
C LEU B 139 0.83 13.21 43.94
N ALA B 140 -0.17 13.57 44.76
CA ALA B 140 0.02 13.41 46.19
C ALA B 140 -0.33 11.99 46.63
N PRO B 141 0.43 11.48 47.59
CA PRO B 141 0.20 10.11 48.07
C PRO B 141 -0.96 10.06 49.05
N SER B 142 -1.60 8.91 49.09
CA SER B 142 -2.76 8.77 49.95
C SER B 142 -3.13 7.32 50.18
N SER B 143 -4.29 6.94 49.68
CA SER B 143 -4.76 5.59 49.75
C SER B 143 -4.17 4.73 48.64
N GLY B 148 3.90 -1.58 53.41
CA GLY B 148 3.30 -2.88 53.17
C GLY B 148 2.67 -2.90 51.79
N GLY B 149 1.60 -2.14 51.65
CA GLY B 149 1.19 -1.66 50.35
C GLY B 149 1.61 -0.21 50.31
N THR B 150 2.92 0.01 50.12
CA THR B 150 3.65 1.22 50.51
C THR B 150 3.23 2.49 49.77
N ALA B 151 4.16 3.44 49.58
CA ALA B 151 3.78 4.75 49.09
C ALA B 151 4.43 5.05 47.73
N ALA B 152 3.68 5.69 46.86
CA ALA B 152 4.23 6.27 45.64
C ALA B 152 3.69 7.68 45.53
N LEU B 153 4.57 8.62 45.18
CA LEU B 153 4.15 9.99 44.97
C LEU B 153 4.89 10.54 43.75
N GLY B 154 4.41 11.67 43.23
CA GLY B 154 5.06 12.20 42.06
C GLY B 154 4.63 13.58 41.61
N CYS B 155 4.90 13.80 40.32
CA CYS B 155 4.83 15.09 39.64
C CYS B 155 4.28 14.94 38.25
N LEU B 156 3.30 15.77 37.93
CA LEU B 156 2.75 15.88 36.59
C LEU B 156 3.23 17.20 36.01
N VAL B 157 3.90 17.13 34.87
CA VAL B 157 4.41 18.30 34.19
C VAL B 157 3.65 18.41 32.88
N LYS B 158 2.76 19.40 32.80
CA LYS B 158 1.71 19.48 31.80
C LYS B 158 1.95 20.65 30.87
N ASP B 159 1.81 20.40 29.56
CA ASP B 159 1.69 21.38 28.49
C ASP B 159 2.90 22.27 28.34
N TYR B 160 3.93 21.73 27.70
CA TYR B 160 5.13 22.48 27.40
C TYR B 160 5.59 22.13 26.00
N PHE B 161 6.45 23.01 25.44
CA PHE B 161 7.11 22.72 24.19
C PHE B 161 8.29 23.65 24.05
N PRO B 162 9.45 23.19 23.55
CA PRO B 162 9.74 21.82 23.08
C PRO B 162 10.37 20.96 24.17
N GLU B 163 10.67 19.72 23.80
CA GLU B 163 11.53 18.90 24.65
C GLU B 163 12.93 19.51 24.69
N PRO B 164 13.61 19.40 25.82
CA PRO B 164 13.11 18.66 26.98
C PRO B 164 12.90 19.49 28.25
N VAL B 165 12.25 18.84 29.21
CA VAL B 165 12.25 19.25 30.61
C VAL B 165 13.18 18.32 31.33
N THR B 166 13.93 18.86 32.29
CA THR B 166 14.62 18.06 33.27
C THR B 166 13.80 17.99 34.55
N VAL B 167 13.69 16.80 35.12
CA VAL B 167 13.05 16.59 36.41
C VAL B 167 14.07 16.02 37.37
N SER B 168 14.10 16.54 38.59
CA SER B 168 14.91 15.93 39.62
C SER B 168 14.20 16.10 40.96
N TRP B 169 14.71 15.46 42.01
CA TRP B 169 14.03 15.43 43.29
C TRP B 169 14.97 15.88 44.37
N ASN B 170 14.51 16.81 45.20
CA ASN B 170 15.36 17.42 46.21
C ASN B 170 16.69 17.89 45.62
N SER B 171 16.62 18.52 44.45
CA SER B 171 17.80 19.11 43.81
C SER B 171 18.88 18.07 43.58
N GLY B 172 18.46 16.84 43.28
CA GLY B 172 19.39 15.79 42.91
C GLY B 172 19.84 14.85 44.02
N ALA B 173 19.54 15.13 45.28
CA ALA B 173 20.05 14.27 46.34
C ALA B 173 19.23 12.99 46.53
N LEU B 174 17.99 12.98 46.08
CA LEU B 174 17.16 11.80 46.17
C LEU B 174 17.22 11.07 44.84
N THR B 175 17.60 9.79 44.89
CA THR B 175 17.77 9.01 43.66
C THR B 175 17.21 7.59 43.79
N SER B 176 16.46 7.31 44.85
CA SER B 176 16.17 5.94 45.29
C SER B 176 14.70 5.65 44.98
N GLY B 177 14.47 4.86 43.93
CA GLY B 177 13.12 4.54 43.51
C GLY B 177 12.48 5.59 42.65
N VAL B 178 13.25 6.61 42.24
CA VAL B 178 12.77 7.66 41.36
C VAL B 178 12.81 7.16 39.94
N HIS B 179 11.86 7.61 39.15
CA HIS B 179 11.78 7.20 37.75
C HIS B 179 10.97 8.24 36.99
N THR B 180 11.58 8.90 36.03
CA THR B 180 10.85 9.91 35.27
C THR B 180 10.52 9.35 33.91
N PHE B 181 9.26 9.37 33.58
CA PHE B 181 8.80 8.74 32.36
C PHE B 181 9.19 9.60 31.16
N PRO B 182 9.07 9.04 29.97
CA PRO B 182 9.19 9.86 28.77
C PRO B 182 8.01 10.79 28.63
N ALA B 183 8.22 11.86 27.88
CA ALA B 183 7.09 12.74 27.59
C ALA B 183 6.18 12.09 26.57
N VAL B 184 4.92 12.45 26.64
CA VAL B 184 3.92 12.01 25.66
C VAL B 184 3.40 13.26 25.00
N LEU B 185 3.15 13.18 23.69
CA LEU B 185 2.68 14.32 22.94
C LEU B 185 1.15 14.24 22.79
N GLN B 186 0.44 15.22 23.34
CA GLN B 186 -1.02 15.13 23.41
C GLN B 186 -1.66 15.68 22.13
N SER B 187 -3.01 15.65 22.09
CA SER B 187 -3.76 16.29 21.02
C SER B 187 -3.38 17.74 20.79
N SER B 188 -2.86 18.45 21.78
CA SER B 188 -2.63 19.87 21.64
C SER B 188 -1.26 20.20 21.06
N GLY B 189 -0.50 19.20 20.64
CA GLY B 189 0.86 19.46 20.21
C GLY B 189 1.79 19.92 21.29
N LEU B 190 1.39 19.78 22.56
CA LEU B 190 2.25 20.05 23.70
C LEU B 190 2.63 18.73 24.38
N TYR B 191 3.83 18.70 24.95
CA TYR B 191 4.32 17.53 25.65
C TYR B 191 3.87 17.54 27.10
N SER B 192 3.82 16.36 27.71
CA SER B 192 3.60 16.24 29.14
C SER B 192 4.35 15.04 29.64
N LEU B 193 4.86 15.13 30.86
CA LEU B 193 5.58 13.98 31.45
C LEU B 193 5.33 13.84 32.94
N SER B 194 5.63 12.68 33.45
CA SER B 194 5.41 12.43 34.86
C SER B 194 6.67 11.84 35.47
N SER B 195 6.82 12.05 36.77
CA SER B 195 7.94 11.45 37.48
C SER B 195 7.47 10.94 38.84
N VAL B 196 7.96 9.77 39.26
CA VAL B 196 7.52 9.15 40.51
C VAL B 196 8.66 8.72 41.40
N VAL B 197 8.32 8.60 42.69
CA VAL B 197 9.19 8.08 43.74
C VAL B 197 8.36 7.10 44.56
N THR B 198 8.83 5.86 44.61
CA THR B 198 8.41 4.91 45.61
C THR B 198 9.07 5.24 46.94
N VAL B 199 8.27 5.36 48.00
CA VAL B 199 8.82 5.69 49.31
C VAL B 199 8.20 4.77 50.36
N PRO B 200 8.94 4.55 51.46
CA PRO B 200 8.38 3.82 52.60
C PRO B 200 7.33 4.66 53.29
N SER B 201 6.16 4.05 53.50
CA SER B 201 5.03 4.77 54.07
C SER B 201 5.36 5.45 55.39
N SER B 202 6.48 5.09 56.05
CA SER B 202 6.82 5.63 57.37
C SER B 202 7.54 6.98 57.28
N SER B 203 7.22 7.79 56.24
CA SER B 203 7.98 9.00 55.90
C SER B 203 7.12 10.16 55.44
N LEU B 204 5.83 10.14 55.69
CA LEU B 204 4.93 11.22 55.29
C LEU B 204 4.53 11.98 56.54
N GLY B 205 4.95 13.24 56.61
CA GLY B 205 5.00 13.97 57.85
C GLY B 205 6.38 14.03 58.47
N THR B 206 7.36 13.28 57.92
CA THR B 206 8.73 13.31 58.45
C THR B 206 9.78 13.49 57.35
N GLN B 207 9.73 12.72 56.27
CA GLN B 207 10.61 13.01 55.14
C GLN B 207 9.85 13.87 54.13
N THR B 208 10.57 14.78 53.49
CA THR B 208 9.97 15.78 52.62
C THR B 208 10.47 15.58 51.20
N TYR B 209 9.57 15.83 50.24
CA TYR B 209 9.81 15.58 48.84
C TYR B 209 9.47 16.82 48.02
N ILE B 210 10.41 17.24 47.19
CA ILE B 210 10.23 18.38 46.31
C ILE B 210 10.54 17.99 44.89
N CYS B 211 9.65 18.36 43.99
CA CYS B 211 9.86 18.32 42.55
C CYS B 211 10.65 19.52 42.07
N ASN B 212 11.67 19.26 41.27
CA ASN B 212 12.51 20.26 40.65
C ASN B 212 12.35 20.11 39.15
N VAL B 213 11.65 21.05 38.53
CA VAL B 213 11.45 21.00 37.10
C VAL B 213 12.16 22.18 36.48
N ASN B 214 12.83 21.90 35.36
CA ASN B 214 13.66 22.86 34.70
C ASN B 214 13.41 22.73 33.21
N HIS B 215 12.89 23.79 32.60
CA HIS B 215 12.65 23.86 31.15
C HIS B 215 13.38 25.10 30.67
N LYS B 216 14.52 24.89 30.02
CA LYS B 216 15.42 25.94 29.61
C LYS B 216 14.98 26.69 28.36
N PRO B 217 14.33 26.01 27.41
CA PRO B 217 13.73 26.73 26.28
C PRO B 217 12.91 27.95 26.66
N SER B 218 12.22 27.94 27.79
CA SER B 218 11.38 29.06 28.15
C SER B 218 11.76 29.69 29.48
N ASN B 219 12.92 29.34 30.05
CA ASN B 219 13.37 29.96 31.28
C ASN B 219 12.34 29.69 32.39
N THR B 220 12.23 28.41 32.78
CA THR B 220 11.24 28.06 33.79
C THR B 220 11.85 27.06 34.75
N LYS B 221 11.79 27.40 36.03
CA LYS B 221 12.34 26.59 37.10
C LYS B 221 11.26 26.56 38.19
N VAL B 222 10.67 25.40 38.44
CA VAL B 222 9.68 25.30 39.51
C VAL B 222 10.15 24.29 40.55
N ASP B 223 9.87 24.61 41.81
CA ASP B 223 10.02 23.70 42.93
C ASP B 223 8.62 23.53 43.51
N LYS B 224 8.11 22.30 43.47
CA LYS B 224 6.77 21.99 43.96
C LYS B 224 6.89 20.90 45.02
N ARG B 225 6.56 21.22 46.26
CA ARG B 225 6.63 20.22 47.30
C ARG B 225 5.39 19.34 47.22
N VAL B 226 5.61 18.03 47.30
CA VAL B 226 4.53 17.06 47.30
C VAL B 226 4.28 16.67 48.73
N GLU B 227 3.08 17.00 49.22
CA GLU B 227 2.57 16.62 50.51
C GLU B 227 1.45 15.60 50.35
N PRO B 228 1.37 14.61 51.22
CA PRO B 228 0.14 13.82 51.28
C PRO B 228 -0.91 14.58 52.06
N LYS B 229 -2.17 14.23 51.83
CA LYS B 229 -3.21 14.52 52.81
C LYS B 229 -3.91 13.26 53.25
N ALA C 3 -7.63 -4.61 11.56
CA ALA C 3 -8.76 -5.41 11.07
C ALA C 3 -8.50 -6.89 11.34
N LEU C 4 -7.23 -7.19 11.59
CA LEU C 4 -6.85 -8.48 12.11
C LEU C 4 -6.45 -8.29 13.56
N THR C 5 -7.02 -9.11 14.44
CA THR C 5 -6.85 -8.94 15.89
C THR C 5 -5.41 -9.01 16.36
N GLN C 6 -4.94 -10.23 16.64
CA GLN C 6 -3.61 -10.50 17.19
C GLN C 6 -3.52 -10.20 18.68
N PRO C 7 -2.79 -11.02 19.44
CA PRO C 7 -2.62 -10.76 20.87
C PRO C 7 -1.51 -9.76 21.13
N ARG C 8 -1.65 -8.96 22.18
CA ARG C 8 -0.69 -7.86 22.32
C ARG C 8 0.68 -8.34 22.75
N SER C 9 0.74 -9.40 23.55
CA SER C 9 2.01 -9.90 24.08
C SER C 9 1.97 -11.41 24.14
N VAL C 10 3.16 -12.00 24.11
CA VAL C 10 3.37 -13.43 24.19
C VAL C 10 4.79 -13.62 24.69
N SER C 11 5.00 -14.65 25.47
CA SER C 11 6.31 -14.81 26.07
C SER C 11 6.54 -16.27 26.37
N ALA C 12 7.79 -16.67 26.28
CA ALA C 12 8.19 -18.02 26.59
C ALA C 12 9.69 -18.03 26.82
N SER C 13 10.19 -19.20 27.21
CA SER C 13 11.56 -19.20 27.64
C SER C 13 12.42 -19.92 26.62
N PRO C 14 13.73 -19.69 26.63
CA PRO C 14 14.60 -20.24 25.59
C PRO C 14 14.47 -21.75 25.46
N GLY C 15 14.48 -22.23 24.21
CA GLY C 15 14.34 -23.63 23.90
C GLY C 15 12.92 -24.08 23.69
N GLN C 16 11.95 -23.28 24.13
CA GLN C 16 10.54 -23.60 24.00
C GLN C 16 10.04 -23.15 22.62
N SER C 17 8.72 -23.06 22.50
CA SER C 17 8.08 -22.71 21.26
C SER C 17 6.87 -21.88 21.65
N VAL C 18 6.43 -20.98 20.76
CA VAL C 18 5.29 -20.11 21.02
C VAL C 18 4.43 -20.04 19.76
N THR C 19 3.22 -19.52 19.93
CA THR C 19 2.33 -19.39 18.78
C THR C 19 1.67 -18.02 18.85
N ILE C 20 1.82 -17.26 17.77
CA ILE C 20 1.11 -16.02 17.56
C ILE C 20 -0.06 -16.31 16.64
N SER C 21 -1.23 -15.76 16.95
CA SER C 21 -2.38 -15.91 16.07
C SER C 21 -2.91 -14.55 15.63
N CYS C 22 -3.51 -14.50 14.43
CA CYS C 22 -4.41 -13.41 14.11
C CYS C 22 -5.69 -13.95 13.51
N THR C 23 -6.79 -13.33 13.91
CA THR C 23 -8.17 -13.79 13.71
C THR C 23 -8.90 -12.72 12.92
N GLY C 24 -9.59 -13.11 11.86
CA GLY C 24 -10.25 -12.07 11.09
C GLY C 24 -10.44 -12.28 9.60
N THR C 25 -9.59 -13.09 8.96
CA THR C 25 -9.72 -13.35 7.53
C THR C 25 -9.75 -14.84 7.28
N HIS C 26 -10.25 -15.20 6.10
CA HIS C 26 -9.98 -16.48 5.50
C HIS C 26 -8.97 -16.35 4.37
N ASN C 27 -8.38 -15.18 4.25
CA ASN C 27 -7.54 -14.79 3.12
C ASN C 27 -6.08 -15.06 3.44
N TYR C 28 -5.30 -15.27 2.39
CA TYR C 28 -3.90 -15.66 2.59
C TYR C 28 -3.21 -14.66 3.50
N VAL C 29 -2.52 -15.18 4.51
CA VAL C 29 -1.85 -14.35 5.48
C VAL C 29 -0.35 -14.59 5.41
N SER C 30 0.41 -13.53 5.54
CA SER C 30 1.86 -13.62 5.67
C SER C 30 2.30 -12.91 6.94
N TRP C 31 3.53 -13.20 7.35
CA TRP C 31 4.07 -12.75 8.62
C TRP C 31 5.38 -12.02 8.44
N CYS C 32 5.62 -11.08 9.35
CA CYS C 32 6.84 -10.30 9.40
C CYS C 32 7.34 -10.25 10.81
N GLN C 33 8.65 -10.08 10.94
CA GLN C 33 9.32 -9.95 12.23
C GLN C 33 10.15 -8.69 12.21
N GLN C 34 9.84 -7.75 13.09
CA GLN C 34 10.60 -6.54 13.25
C GLN C 34 11.33 -6.58 14.59
N LYS C 35 12.64 -6.50 14.53
CA LYS C 35 13.45 -6.50 15.73
C LYS C 35 13.63 -5.07 16.22
N PRO C 36 14.22 -4.88 17.41
CA PRO C 36 14.48 -3.52 17.85
C PRO C 36 15.65 -2.95 17.08
N GLY C 37 15.45 -1.77 16.49
CA GLY C 37 16.48 -1.13 15.71
C GLY C 37 16.47 -1.48 14.24
N GLN C 38 15.78 -2.54 13.84
CA GLN C 38 15.80 -2.95 12.44
C GLN C 38 14.44 -2.76 11.77
N ALA C 39 14.44 -2.92 10.53
CA ALA C 39 13.36 -2.88 9.57
C ALA C 39 12.75 -4.26 9.43
N PRO C 40 11.43 -4.33 9.23
CA PRO C 40 10.73 -5.63 9.19
C PRO C 40 11.32 -6.57 8.16
N LYS C 41 11.21 -7.87 8.43
CA LYS C 41 11.67 -8.91 7.51
C LYS C 41 10.59 -9.98 7.41
N LEU C 42 10.32 -10.41 6.17
CA LEU C 42 9.28 -11.40 5.92
C LEU C 42 9.74 -12.78 6.41
N LEU C 43 8.82 -13.53 7.03
CA LEU C 43 9.13 -14.85 7.58
C LEU C 43 8.34 -15.93 6.87
N ILE C 44 7.02 -15.88 6.92
CA ILE C 44 6.14 -16.85 6.28
C ILE C 44 5.25 -16.10 5.29
N TYR C 45 4.95 -16.72 4.17
CA TYR C 45 3.96 -16.16 3.28
C TYR C 45 2.92 -17.22 2.96
N ASP C 46 1.72 -16.74 2.62
CA ASP C 46 0.68 -17.62 2.13
C ASP C 46 0.41 -18.75 3.13
N PHE C 47 0.23 -18.37 4.41
CA PHE C 47 -0.09 -19.28 5.53
C PHE C 47 1.08 -20.12 6.04
N ASN C 48 1.81 -20.82 5.16
CA ASN C 48 2.79 -21.80 5.63
C ASN C 48 4.06 -21.92 4.79
N LYS C 49 4.27 -21.08 3.78
CA LYS C 49 5.49 -21.19 3.00
C LYS C 49 6.61 -20.39 3.63
N ARG C 50 7.84 -20.82 3.38
CA ARG C 50 9.05 -20.16 3.84
C ARG C 50 9.90 -19.71 2.65
N PRO C 51 10.37 -18.48 2.62
CA PRO C 51 11.40 -18.10 1.65
C PRO C 51 12.73 -18.70 2.04
N SER C 52 13.65 -18.68 1.08
CA SER C 52 15.00 -19.16 1.34
C SER C 52 15.74 -18.14 2.21
N GLY C 53 16.47 -18.66 3.20
CA GLY C 53 17.15 -17.82 4.18
C GLY C 53 16.42 -17.61 5.47
N VAL C 54 15.26 -18.25 5.66
CA VAL C 54 14.50 -18.17 6.90
C VAL C 54 14.63 -19.50 7.62
N SER C 55 14.63 -19.43 8.95
CA SER C 55 14.92 -20.61 9.73
C SER C 55 13.75 -21.59 9.70
N ASP C 56 14.06 -22.87 9.85
CA ASP C 56 13.04 -23.92 9.93
C ASP C 56 12.25 -23.89 11.23
N ARG C 57 12.69 -23.11 12.23
CA ARG C 57 11.93 -22.95 13.45
C ARG C 57 10.64 -22.16 13.24
N PHE C 58 10.57 -21.31 12.21
CA PHE C 58 9.35 -20.57 11.90
C PHE C 58 8.44 -21.42 11.02
N SER C 59 7.17 -21.47 11.39
CA SER C 59 6.24 -22.23 10.58
C SER C 59 4.86 -21.60 10.73
N GLY C 60 3.98 -21.92 9.79
CA GLY C 60 2.69 -21.29 9.75
C GLY C 60 1.58 -22.34 9.60
N SER C 61 0.41 -21.95 10.04
CA SER C 61 -0.73 -22.86 10.04
C SER C 61 -2.00 -22.03 10.00
N THR C 62 -3.07 -22.63 9.52
CA THR C 62 -4.33 -21.93 9.52
C THR C 62 -5.41 -22.93 9.89
N SER C 63 -6.40 -22.44 10.59
CA SER C 63 -7.53 -23.27 10.98
C SER C 63 -8.70 -22.31 11.14
N GLY C 64 -9.64 -22.38 10.20
CA GLY C 64 -10.88 -21.64 10.22
C GLY C 64 -10.83 -20.24 10.77
N ASN C 65 -10.48 -19.26 9.95
CA ASN C 65 -10.55 -17.83 10.27
C ASN C 65 -9.47 -17.35 11.23
N THR C 66 -8.48 -18.18 11.56
CA THR C 66 -7.33 -17.70 12.32
C THR C 66 -6.06 -18.35 11.80
N ALA C 67 -5.07 -17.53 11.49
CA ALA C 67 -3.76 -18.00 11.05
C ALA C 67 -2.79 -17.92 12.22
N SER C 68 -1.83 -18.83 12.23
CA SER C 68 -0.89 -18.91 13.33
C SER C 68 0.53 -19.03 12.82
N LEU C 69 1.37 -18.24 13.44
CA LEU C 69 2.80 -18.33 13.29
C LEU C 69 3.33 -19.07 14.52
N THR C 70 4.15 -20.10 14.32
CA THR C 70 4.71 -20.88 15.42
C THR C 70 6.23 -20.86 15.38
N ILE C 71 6.86 -20.56 16.53
CA ILE C 71 8.31 -20.42 16.65
C ILE C 71 8.84 -21.50 17.58
N SER C 72 9.64 -22.42 17.06
CA SER C 72 10.22 -23.52 17.83
C SER C 72 11.67 -23.21 18.20
N GLY C 73 12.11 -23.81 19.31
CA GLY C 73 13.46 -23.58 19.83
C GLY C 73 13.83 -22.11 19.97
N LEU C 74 13.07 -21.38 20.79
CA LEU C 74 13.24 -19.95 20.92
C LEU C 74 14.67 -19.57 21.25
N GLN C 75 15.14 -18.52 20.61
CA GLN C 75 16.42 -17.90 20.92
C GLN C 75 16.15 -16.46 21.27
N ALA C 76 17.06 -15.87 22.04
CA ALA C 76 16.82 -14.50 22.45
C ALA C 76 16.96 -13.50 21.29
N ASP C 77 17.43 -13.92 20.12
CA ASP C 77 17.43 -13.04 18.97
C ASP C 77 16.02 -12.88 18.38
N ASP C 78 15.08 -13.73 18.79
CA ASP C 78 13.71 -13.67 18.33
C ASP C 78 12.89 -12.63 19.06
N GLU C 79 13.40 -12.11 20.17
CA GLU C 79 12.75 -11.01 20.85
C GLU C 79 12.46 -9.90 19.87
N GLY C 80 11.19 -9.56 19.70
CA GLY C 80 10.86 -8.57 18.70
C GLY C 80 9.36 -8.38 18.59
N HIS C 81 8.96 -7.81 17.47
CA HIS C 81 7.57 -7.51 17.18
C HIS C 81 7.16 -8.33 15.97
N TYR C 82 5.98 -8.90 16.00
CA TYR C 82 5.57 -9.85 14.97
C TYR C 82 4.22 -9.40 14.47
N PHE C 83 4.02 -9.38 13.15
CA PHE C 83 2.70 -8.98 12.65
C PHE C 83 2.36 -9.67 11.35
N CYS C 84 1.07 -9.67 11.01
CA CYS C 84 0.57 -10.36 9.83
C CYS C 84 -0.22 -9.42 8.93
N TRP C 85 -0.41 -9.85 7.69
CA TRP C 85 -1.34 -9.13 6.83
C TRP C 85 -1.95 -10.13 5.85
N ALA C 86 -3.15 -9.78 5.39
CA ALA C 86 -3.81 -10.43 4.25
C ALA C 86 -4.18 -9.28 3.30
N PHE C 87 -3.23 -8.88 2.43
CA PHE C 87 -3.35 -7.68 1.60
C PHE C 87 -3.34 -6.43 2.45
N GLU C 88 -4.36 -5.58 2.32
CA GLU C 88 -4.45 -4.36 3.09
C GLU C 88 -5.13 -4.55 4.45
N ASN C 89 -5.49 -5.79 4.78
CA ASN C 89 -6.01 -6.16 6.09
C ASN C 89 -4.81 -6.52 6.98
N ILE C 90 -4.53 -5.72 8.01
CA ILE C 90 -3.32 -5.87 8.81
C ILE C 90 -3.68 -6.13 10.26
N GLY C 91 -2.85 -6.92 10.94
CA GLY C 91 -3.00 -7.13 12.36
C GLY C 91 -2.25 -6.11 13.17
N GLY C 92 -2.70 -5.93 14.41
CA GLY C 92 -2.14 -4.93 15.31
C GLY C 92 -0.74 -5.23 15.80
N GLY C 93 -0.25 -6.43 15.59
CA GLY C 93 1.10 -6.66 16.08
C GLY C 93 1.11 -7.22 17.48
N THR C 94 2.17 -8.01 17.76
CA THR C 94 2.38 -8.67 19.04
C THR C 94 3.84 -8.47 19.42
N LYS C 95 4.09 -8.01 20.64
CA LYS C 95 5.42 -8.09 21.19
C LYS C 95 5.70 -9.52 21.66
N LEU C 96 6.80 -10.09 21.20
CA LEU C 96 7.27 -11.40 21.66
C LEU C 96 8.50 -11.17 22.52
N THR C 97 8.41 -11.64 23.76
CA THR C 97 9.47 -11.58 24.76
C THR C 97 9.98 -12.98 25.03
N VAL C 98 11.27 -13.16 24.99
CA VAL C 98 11.88 -14.41 25.37
C VAL C 98 12.35 -14.20 26.79
N LEU C 99 11.68 -14.85 27.74
CA LEU C 99 11.86 -14.57 29.17
C LEU C 99 13.32 -14.67 29.57
N GLY C 100 13.86 -13.57 30.10
CA GLY C 100 15.21 -13.54 30.59
C GLY C 100 15.29 -13.39 32.09
N GLN C 101 14.17 -13.43 32.79
CA GLN C 101 14.05 -13.25 34.23
C GLN C 101 12.63 -13.64 34.64
N PRO C 102 12.37 -13.90 35.92
CA PRO C 102 11.02 -14.31 36.31
C PRO C 102 9.98 -13.23 36.00
N LYS C 103 8.79 -13.69 35.58
CA LYS C 103 7.67 -12.78 35.36
C LYS C 103 7.40 -11.97 36.61
N ALA C 104 6.97 -10.72 36.44
CA ALA C 104 6.65 -9.89 37.58
C ALA C 104 5.43 -9.06 37.26
N ALA C 105 4.38 -9.22 38.06
CA ALA C 105 3.15 -8.51 37.82
C ALA C 105 3.32 -7.05 38.19
N PRO C 106 2.46 -6.17 37.69
CA PRO C 106 2.62 -4.74 37.95
C PRO C 106 1.90 -4.22 39.19
N SER C 107 2.62 -3.38 39.93
CA SER C 107 1.97 -2.42 40.81
C SER C 107 1.34 -1.36 39.92
N VAL C 108 0.11 -0.98 40.20
CA VAL C 108 -0.47 0.16 39.51
C VAL C 108 -1.08 1.06 40.55
N THR C 109 -0.80 2.35 40.44
CA THR C 109 -1.45 3.33 41.27
C THR C 109 -2.02 4.41 40.37
N LEU C 110 -3.18 4.94 40.75
CA LEU C 110 -3.95 5.85 39.93
C LEU C 110 -4.14 7.15 40.70
N PHE C 111 -3.62 8.18 40.19
CA PHE C 111 -3.65 9.45 40.87
C PHE C 111 -4.82 10.27 40.36
N PRO C 112 -5.60 10.84 41.28
CA PRO C 112 -6.73 11.69 40.90
C PRO C 112 -6.24 13.10 40.59
N PRO C 113 -7.07 13.90 39.91
CA PRO C 113 -6.80 15.35 39.78
C PRO C 113 -6.47 16.08 41.07
N SER C 114 -5.21 16.50 41.20
CA SER C 114 -4.76 17.45 42.22
C SER C 114 -5.70 18.65 42.37
N SER C 115 -5.80 19.15 43.61
CA SER C 115 -6.55 20.38 43.87
C SER C 115 -6.06 21.51 42.98
N GLU C 116 -4.74 21.61 42.82
CA GLU C 116 -4.15 22.74 42.12
C GLU C 116 -4.46 22.72 40.61
N GLU C 117 -4.60 21.53 40.00
CA GLU C 117 -4.99 21.50 38.59
C GLU C 117 -6.48 21.83 38.44
N LEU C 118 -7.29 21.46 39.43
CA LEU C 118 -8.70 21.80 39.32
C LEU C 118 -8.93 23.29 39.57
N GLN C 119 -8.05 23.95 40.33
CA GLN C 119 -8.08 25.40 40.43
C GLN C 119 -7.74 26.08 39.11
N ALA C 120 -7.05 25.37 38.21
CA ALA C 120 -6.75 25.83 36.86
C ALA C 120 -7.64 25.16 35.80
N ASN C 121 -8.82 24.66 36.20
CA ASN C 121 -9.88 24.18 35.31
C ASN C 121 -9.48 22.98 34.45
N LYS C 122 -8.57 22.12 34.93
CA LYS C 122 -8.13 20.95 34.18
C LYS C 122 -8.22 19.71 35.06
N ALA C 123 -8.41 18.55 34.46
CA ALA C 123 -8.56 17.34 35.26
C ALA C 123 -7.75 16.25 34.59
N THR C 124 -6.60 15.92 35.16
CA THR C 124 -5.78 14.87 34.60
C THR C 124 -5.73 13.67 35.55
N LEU C 125 -6.28 12.56 35.10
CA LEU C 125 -6.09 11.29 35.80
C LEU C 125 -4.80 10.68 35.29
N VAL C 126 -3.95 10.19 36.19
CA VAL C 126 -2.71 9.58 35.72
C VAL C 126 -2.55 8.23 36.39
N CYS C 127 -2.20 7.23 35.63
CA CYS C 127 -2.08 5.87 36.11
C CYS C 127 -0.67 5.41 35.81
N LEU C 128 0.05 5.06 36.88
CA LEU C 128 1.47 4.62 36.78
C LEU C 128 1.57 3.12 37.06
N ILE C 129 2.01 2.37 36.06
CA ILE C 129 2.19 0.93 36.14
C ILE C 129 3.68 0.68 36.26
N SER C 130 4.08 -0.15 37.20
CA SER C 130 5.50 -0.27 37.50
C SER C 130 5.80 -1.67 38.03
N ASP C 131 7.04 -2.12 37.77
CA ASP C 131 7.64 -3.33 38.36
C ASP C 131 7.18 -4.60 37.65
N PHE C 132 7.11 -4.54 36.33
CA PHE C 132 6.61 -5.70 35.62
C PHE C 132 7.61 -6.15 34.55
N TYR C 133 7.50 -7.45 34.20
CA TYR C 133 8.23 -8.15 33.20
C TYR C 133 7.36 -9.30 32.72
N PRO C 134 7.25 -9.55 31.40
CA PRO C 134 7.79 -8.81 30.24
C PRO C 134 7.30 -7.37 30.15
N GLY C 135 7.96 -6.56 29.33
CA GLY C 135 7.55 -5.19 29.10
C GLY C 135 6.44 -5.06 28.07
N ALA C 136 5.26 -5.58 28.38
CA ALA C 136 4.11 -5.42 27.50
C ALA C 136 2.84 -5.50 28.34
N VAL C 137 1.99 -4.47 28.24
CA VAL C 137 0.76 -4.42 28.99
C VAL C 137 -0.32 -3.67 28.21
N THR C 138 -1.56 -3.89 28.61
CA THR C 138 -2.70 -3.13 28.09
C THR C 138 -3.23 -2.25 29.20
N VAL C 139 -3.46 -0.98 28.88
CA VAL C 139 -4.03 -0.03 29.83
C VAL C 139 -5.34 0.48 29.24
N ALA C 140 -6.43 0.19 29.93
CA ALA C 140 -7.78 0.54 29.49
C ALA C 140 -8.46 1.39 30.55
N TRP C 141 -8.94 2.55 30.16
CA TRP C 141 -9.66 3.42 31.06
C TRP C 141 -11.12 3.09 31.01
N LYS C 142 -11.79 3.25 32.15
CA LYS C 142 -13.21 2.98 32.22
C LYS C 142 -13.86 4.12 32.99
N ALA C 143 -14.90 4.70 32.41
CA ALA C 143 -15.71 5.71 33.07
C ALA C 143 -16.91 4.98 33.65
N ASP C 144 -17.06 5.00 34.98
CA ASP C 144 -18.01 4.09 35.61
C ASP C 144 -17.65 2.68 35.13
N SER C 145 -18.47 2.10 34.25
CA SER C 145 -18.22 0.74 33.80
C SER C 145 -17.68 0.69 32.37
N SER C 146 -17.90 1.75 31.58
CA SER C 146 -17.74 1.86 30.12
C SER C 146 -16.29 2.13 29.74
N PRO C 147 -15.92 1.73 28.53
CA PRO C 147 -14.57 2.03 28.04
C PRO C 147 -14.47 3.48 27.61
N VAL C 148 -13.25 3.96 27.59
CA VAL C 148 -12.94 5.34 27.22
C VAL C 148 -12.03 5.30 26.01
N LYS C 149 -12.37 6.09 25.00
CA LYS C 149 -11.59 6.18 23.78
C LYS C 149 -10.85 7.50 23.65
N ALA C 150 -11.54 8.62 23.90
CA ALA C 150 -10.97 9.96 23.70
C ALA C 150 -10.17 10.41 24.92
N GLY C 151 -9.09 11.13 24.67
CA GLY C 151 -8.32 11.73 25.74
C GLY C 151 -7.29 10.85 26.39
N VAL C 152 -6.98 9.70 25.79
CA VAL C 152 -6.06 8.73 26.37
C VAL C 152 -4.73 8.82 25.66
N GLU C 153 -3.66 9.06 26.43
CA GLU C 153 -2.29 9.01 25.93
C GLU C 153 -1.48 8.07 26.84
N THR C 154 -1.05 6.94 26.31
CA THR C 154 -0.26 5.97 27.04
C THR C 154 1.17 5.95 26.52
N THR C 155 2.11 5.72 27.42
CA THR C 155 3.52 5.68 27.11
C THR C 155 3.96 4.23 27.00
N THR C 156 4.98 3.96 26.15
CA THR C 156 5.51 2.62 25.95
C THR C 156 6.37 2.20 27.14
N PRO C 157 6.25 0.94 27.57
CA PRO C 157 7.06 0.48 28.71
C PRO C 157 8.53 0.74 28.47
N SER C 158 9.16 1.37 29.45
CA SER C 158 10.59 1.68 29.42
C SER C 158 11.22 1.04 30.64
N LYS C 159 12.49 0.68 30.53
CA LYS C 159 13.13 -0.06 31.61
C LYS C 159 13.31 0.85 32.81
N GLN C 160 12.98 0.32 33.97
CA GLN C 160 13.19 1.03 35.21
C GLN C 160 14.65 0.94 35.60
N SER C 161 14.94 1.43 36.80
CA SER C 161 16.29 1.43 37.32
C SER C 161 16.73 0.07 37.85
N ASN C 162 15.90 -0.97 37.72
CA ASN C 162 16.21 -2.29 38.26
C ASN C 162 15.86 -3.36 37.25
N ASN C 163 15.84 -2.98 35.98
CA ASN C 163 15.54 -3.81 34.83
C ASN C 163 14.07 -4.20 34.74
N LYS C 164 13.22 -3.77 35.67
CA LYS C 164 11.82 -4.01 35.41
C LYS C 164 11.26 -2.90 34.51
N TYR C 165 10.04 -3.07 34.05
CA TYR C 165 9.40 -2.09 33.19
C TYR C 165 8.35 -1.28 33.94
N ALA C 166 8.25 0.00 33.57
CA ALA C 166 7.15 0.86 33.97
C ALA C 166 6.48 1.44 32.72
N ALA C 167 5.28 1.94 32.91
CA ALA C 167 4.49 2.60 31.88
C ALA C 167 3.60 3.63 32.57
N SER C 168 3.14 4.61 31.79
CA SER C 168 2.27 5.64 32.33
C SER C 168 1.15 5.87 31.34
N SER C 169 0.00 6.27 31.87
CA SER C 169 -1.17 6.53 31.05
C SER C 169 -1.85 7.76 31.60
N TYR C 170 -2.37 8.56 30.71
CA TYR C 170 -2.99 9.81 31.09
C TYR C 170 -4.35 9.88 30.45
N LEU C 171 -5.33 10.34 31.24
CA LEU C 171 -6.68 10.58 30.77
C LEU C 171 -7.00 12.05 31.08
N SER C 172 -7.21 12.84 30.04
CA SER C 172 -7.34 14.28 30.18
C SER C 172 -8.80 14.66 29.97
N LEU C 173 -9.37 15.36 30.94
CA LEU C 173 -10.77 15.72 30.94
C LEU C 173 -10.90 17.15 31.37
N THR C 174 -12.02 17.73 31.02
CA THR C 174 -12.45 18.96 31.66
C THR C 174 -13.18 18.62 32.96
N PRO C 175 -13.28 19.57 33.88
CA PRO C 175 -13.98 19.28 35.15
C PRO C 175 -15.43 18.87 34.97
N GLU C 176 -16.07 19.32 33.90
CA GLU C 176 -17.48 18.94 33.64
C GLU C 176 -17.52 17.43 33.49
N GLN C 177 -16.85 16.92 32.49
CA GLN C 177 -16.85 15.49 32.25
C GLN C 177 -16.22 14.73 33.41
N TRP C 178 -15.30 15.35 34.14
CA TRP C 178 -14.69 14.70 35.30
C TRP C 178 -15.73 14.43 36.39
N LYS C 179 -16.43 15.48 36.81
CA LYS C 179 -17.48 15.37 37.81
C LYS C 179 -18.77 14.84 37.24
N SER C 180 -18.71 13.94 36.26
CA SER C 180 -19.94 13.40 35.73
C SER C 180 -19.92 11.88 35.64
N HIS C 181 -19.21 11.19 36.55
CA HIS C 181 -19.23 9.74 36.50
C HIS C 181 -19.17 9.04 37.85
N ARG C 182 -18.71 9.72 38.90
CA ARG C 182 -18.67 9.13 40.23
C ARG C 182 -17.59 8.06 40.34
N SER C 183 -17.23 7.42 39.23
CA SER C 183 -16.18 6.42 39.23
C SER C 183 -15.38 6.48 37.95
N TYR C 184 -14.05 6.33 38.07
CA TYR C 184 -13.11 6.20 36.96
C TYR C 184 -12.06 5.15 37.32
N SER C 185 -11.72 4.23 36.41
CA SER C 185 -10.70 3.23 36.76
C SER C 185 -9.69 2.97 35.64
N CYS C 186 -8.48 2.61 36.07
CA CYS C 186 -7.38 2.18 35.21
C CYS C 186 -7.32 0.66 35.29
N GLN C 187 -7.42 0.01 34.15
CA GLN C 187 -7.40 -1.45 34.07
C GLN C 187 -6.13 -1.88 33.34
N VAL C 188 -5.26 -2.59 34.03
CA VAL C 188 -3.98 -3.00 33.47
C VAL C 188 -4.00 -4.50 33.33
N THR C 189 -3.75 -4.99 32.13
CA THR C 189 -3.66 -6.42 31.87
C THR C 189 -2.22 -6.78 31.51
N HIS C 190 -1.73 -7.86 32.12
CA HIS C 190 -0.34 -8.28 32.02
C HIS C 190 -0.28 -9.78 32.10
N GLU C 191 0.27 -10.42 31.08
CA GLU C 191 0.39 -11.88 31.01
C GLU C 191 -0.88 -12.53 31.57
N GLY C 192 -2.03 -12.12 31.04
CA GLY C 192 -3.30 -12.71 31.41
C GLY C 192 -4.07 -12.00 32.52
N SER C 193 -3.38 -11.48 33.53
CA SER C 193 -4.04 -11.02 34.75
C SER C 193 -4.31 -9.52 34.68
N THR C 194 -5.50 -9.11 35.14
CA THR C 194 -5.83 -7.69 35.19
C THR C 194 -5.93 -7.19 36.63
N VAL C 195 -5.58 -5.94 36.81
CA VAL C 195 -5.77 -5.18 38.04
C VAL C 195 -6.51 -3.92 37.65
N GLU C 196 -7.43 -3.47 38.50
CA GLU C 196 -8.11 -2.21 38.24
C GLU C 196 -8.02 -1.37 39.49
N LYS C 197 -7.56 -0.15 39.34
CA LYS C 197 -7.58 0.85 40.38
C LYS C 197 -8.69 1.84 40.05
N THR C 198 -9.49 2.21 41.04
CA THR C 198 -10.61 3.11 40.84
C THR C 198 -10.42 4.37 41.67
N VAL C 199 -11.12 5.43 41.26
CA VAL C 199 -10.98 6.74 41.88
C VAL C 199 -12.26 7.52 41.58
N ALA C 200 -12.61 8.44 42.47
CA ALA C 200 -13.93 9.05 42.44
C ALA C 200 -13.84 10.54 42.77
N PRO C 201 -14.64 11.38 42.12
CA PRO C 201 -14.72 12.79 42.56
C PRO C 201 -15.13 12.92 44.02
N THR C 202 -14.13 12.80 44.91
CA THR C 202 -14.30 12.83 46.36
C THR C 202 -13.01 13.32 47.04
#